data_7D16
#
_entry.id   7D16
#
_entity_poly.entity_id   1
_entity_poly.type   'polypeptide(L)'
_entity_poly.pdbx_seq_one_letter_code
;SQAEATRQAAAQEERLADLASDLLLQYLLQGGARQRGLG
;
_entity_poly.pdbx_strand_id   A
#
# COMPACT_ATOMS: atom_id res chain seq x y z
N SER A 1 -3.66 9.57 0.74
CA SER A 1 -3.32 9.97 -0.62
C SER A 1 -3.16 11.48 -0.72
N GLN A 2 -2.32 12.03 0.15
CA GLN A 2 -2.06 13.47 0.16
C GLN A 2 -0.58 13.76 -0.02
N ALA A 3 -0.25 15.03 -0.19
CA ALA A 3 1.13 15.45 -0.38
C ALA A 3 1.28 16.96 -0.22
N GLU A 4 2.30 17.38 0.52
CA GLU A 4 2.55 18.80 0.75
C GLU A 4 3.76 19.27 -0.05
N ALA A 5 4.94 18.80 0.34
CA ALA A 5 6.18 19.16 -0.33
C ALA A 5 6.56 18.14 -1.41
N THR A 6 6.95 16.95 -0.96
CA THR A 6 7.34 15.89 -1.88
C THR A 6 6.68 14.56 -1.49
N ARG A 7 6.88 13.55 -2.31
CA ARG A 7 6.30 12.23 -2.06
C ARG A 7 7.40 11.17 -1.97
N GLN A 8 8.39 11.28 -2.83
CA GLN A 8 9.50 10.33 -2.86
C GLN A 8 10.18 10.26 -1.49
N ALA A 9 10.28 11.41 -0.83
CA ALA A 9 10.91 11.49 0.48
C ALA A 9 10.25 10.52 1.46
N ALA A 10 8.93 10.60 1.56
CA ALA A 10 8.18 9.73 2.46
C ALA A 10 7.44 8.64 1.69
N ALA A 11 8.18 7.90 0.88
CA ALA A 11 7.61 6.82 0.09
C ALA A 11 7.52 5.53 0.89
N GLN A 12 6.71 4.58 0.41
CA GLN A 12 6.55 3.31 1.08
C GLN A 12 7.31 2.20 0.36
N GLU A 13 8.48 2.55 -0.17
CA GLU A 13 9.30 1.59 -0.90
C GLU A 13 10.42 1.05 0.00
N GLU A 14 10.96 1.93 0.85
CA GLU A 14 12.04 1.55 1.75
C GLU A 14 11.60 0.41 2.67
N ARG A 15 10.35 0.49 3.14
CA ARG A 15 9.81 -0.53 4.03
C ARG A 15 8.95 -1.53 3.25
N LEU A 16 9.57 -2.60 2.79
CA LEU A 16 8.86 -3.64 2.04
C LEU A 16 7.69 -4.18 2.84
N ALA A 17 7.91 -4.41 4.13
CA ALA A 17 6.87 -4.93 5.00
C ALA A 17 5.61 -4.07 4.91
N ASP A 18 5.79 -2.77 4.77
CA ASP A 18 4.66 -1.85 4.67
C ASP A 18 3.98 -1.96 3.31
N LEU A 19 4.78 -2.13 2.27
CA LEU A 19 4.25 -2.25 0.90
C LEU A 19 3.39 -3.51 0.77
N ALA A 20 3.91 -4.63 1.27
CA ALA A 20 3.20 -5.90 1.21
C ALA A 20 1.80 -5.77 1.79
N SER A 21 1.67 -4.95 2.83
CA SER A 21 0.39 -4.75 3.49
C SER A 21 -0.49 -3.79 2.69
N ASP A 22 0.07 -2.62 2.37
CA ASP A 22 -0.67 -1.62 1.60
C ASP A 22 -1.17 -2.21 0.29
N LEU A 23 -0.39 -3.10 -0.30
CA LEU A 23 -0.75 -3.73 -1.56
C LEU A 23 -2.17 -4.31 -1.49
N LEU A 24 -2.53 -4.83 -0.32
CA LEU A 24 -3.84 -5.40 -0.11
C LEU A 24 -4.93 -4.33 -0.13
N LEU A 25 -4.59 -3.16 0.41
CA LEU A 25 -5.53 -2.05 0.46
C LEU A 25 -5.66 -1.38 -0.91
N GLN A 26 -4.53 -1.24 -1.60
CA GLN A 26 -4.51 -0.62 -2.92
C GLN A 26 -5.10 -1.56 -3.97
N TYR A 27 -4.83 -2.85 -3.81
CA TYR A 27 -5.32 -3.85 -4.74
C TYR A 27 -6.83 -3.71 -4.96
N LEU A 28 -7.54 -3.40 -3.88
CA LEU A 28 -8.99 -3.24 -3.94
C LEU A 28 -9.37 -2.23 -5.03
N LEU A 29 -8.63 -1.13 -5.10
CA LEU A 29 -8.90 -0.10 -6.09
C LEU A 29 -8.27 -0.46 -7.44
N GLN A 30 -7.08 -1.04 -7.39
CA GLN A 30 -6.38 -1.45 -8.61
C GLN A 30 -7.27 -2.33 -9.48
N GLY A 31 -8.08 -3.16 -8.84
CA GLY A 31 -8.96 -4.03 -9.58
C GLY A 31 -10.43 -3.68 -9.40
N GLY A 32 -11.32 -4.60 -9.75
CA GLY A 32 -12.74 -4.36 -9.61
C GLY A 32 -13.28 -3.48 -10.72
N ALA A 33 -13.36 -4.03 -11.93
CA ALA A 33 -13.86 -3.28 -13.08
C ALA A 33 -15.36 -3.51 -13.27
N ARG A 34 -15.73 -4.75 -13.63
CA ARG A 34 -17.12 -5.10 -13.84
C ARG A 34 -17.82 -5.38 -12.52
N GLN A 35 -17.21 -6.23 -11.70
CA GLN A 35 -17.77 -6.59 -10.41
C GLN A 35 -18.08 -5.35 -9.58
N ARG A 36 -18.79 -5.53 -8.48
CA ARG A 36 -19.14 -4.42 -7.60
C ARG A 36 -17.90 -3.62 -7.22
N GLY A 37 -18.11 -2.34 -6.89
CA GLY A 37 -17.00 -1.48 -6.51
C GLY A 37 -17.41 -0.03 -6.36
N LEU A 38 -16.48 0.81 -5.92
CA LEU A 38 -16.75 2.23 -5.73
C LEU A 38 -16.36 3.03 -6.97
N GLY A 39 -15.21 2.69 -7.54
CA GLY A 39 -14.75 3.40 -8.73
C GLY A 39 -15.55 3.04 -9.97
N SER A 1 -4.00 4.24 17.46
CA SER A 1 -4.33 4.90 16.21
C SER A 1 -3.10 5.55 15.59
N GLN A 2 -2.13 4.73 15.23
CA GLN A 2 -0.90 5.22 14.62
C GLN A 2 -0.91 5.01 13.11
N ALA A 3 -1.37 6.01 12.38
CA ALA A 3 -1.44 5.92 10.92
C ALA A 3 -0.04 5.80 10.32
N GLU A 4 0.74 6.88 10.41
CA GLU A 4 2.09 6.89 9.87
C GLU A 4 2.95 7.91 10.61
N ALA A 5 4.21 7.54 10.88
CA ALA A 5 5.14 8.41 11.58
C ALA A 5 5.71 9.46 10.63
N THR A 6 6.21 9.02 9.49
CA THR A 6 6.79 9.92 8.50
C THR A 6 5.71 10.64 7.71
N ARG A 7 5.58 11.94 7.93
CA ARG A 7 4.57 12.73 7.24
C ARG A 7 5.21 13.55 6.12
N GLN A 8 6.42 14.06 6.37
CA GLN A 8 7.14 14.86 5.39
C GLN A 8 7.48 14.04 4.16
N ALA A 9 8.24 12.97 4.35
CA ALA A 9 8.64 12.09 3.26
C ALA A 9 7.43 11.64 2.45
N ALA A 10 6.43 11.07 3.14
CA ALA A 10 5.22 10.60 2.49
C ALA A 10 5.53 9.48 1.50
N ALA A 11 6.20 8.44 1.98
CA ALA A 11 6.55 7.30 1.14
C ALA A 11 6.91 6.08 1.98
N GLN A 12 6.22 4.98 1.74
CA GLN A 12 6.47 3.74 2.48
C GLN A 12 7.06 2.66 1.57
N GLU A 13 8.10 3.03 0.83
CA GLU A 13 8.75 2.10 -0.08
C GLU A 13 9.97 1.46 0.58
N GLU A 14 10.69 2.25 1.38
CA GLU A 14 11.88 1.76 2.06
C GLU A 14 11.57 0.50 2.86
N ARG A 15 10.37 0.44 3.44
CA ARG A 15 9.95 -0.71 4.23
C ARG A 15 9.05 -1.63 3.41
N LEU A 16 9.63 -2.68 2.86
CA LEU A 16 8.89 -3.64 2.07
C LEU A 16 7.71 -4.19 2.84
N ALA A 17 7.89 -4.40 4.14
CA ALA A 17 6.83 -4.91 5.00
C ALA A 17 5.57 -4.05 4.90
N ASP A 18 5.77 -2.74 4.76
CA ASP A 18 4.65 -1.81 4.65
C ASP A 18 3.97 -1.93 3.29
N LEU A 19 4.77 -2.15 2.25
CA LEU A 19 4.24 -2.28 0.90
C LEU A 19 3.39 -3.54 0.77
N ALA A 20 3.90 -4.66 1.27
CA ALA A 20 3.18 -5.93 1.22
C ALA A 20 1.78 -5.78 1.80
N SER A 21 1.66 -4.96 2.84
CA SER A 21 0.38 -4.74 3.49
C SER A 21 -0.50 -3.78 2.68
N ASP A 22 0.06 -2.63 2.35
CA ASP A 22 -0.66 -1.62 1.58
C ASP A 22 -1.17 -2.21 0.27
N LEU A 23 -0.39 -3.12 -0.30
CA LEU A 23 -0.76 -3.75 -1.57
C LEU A 23 -2.17 -4.32 -1.50
N LEU A 24 -2.54 -4.83 -0.32
CA LEU A 24 -3.87 -5.39 -0.12
C LEU A 24 -4.94 -4.31 -0.14
N LEU A 25 -4.60 -3.14 0.40
CA LEU A 25 -5.52 -2.02 0.44
C LEU A 25 -5.65 -1.36 -0.93
N GLN A 26 -4.52 -1.23 -1.62
CA GLN A 26 -4.50 -0.62 -2.94
C GLN A 26 -5.08 -1.56 -3.99
N TYR A 27 -4.83 -2.86 -3.82
CA TYR A 27 -5.32 -3.86 -4.75
C TYR A 27 -6.83 -3.71 -4.97
N LEU A 28 -7.55 -3.42 -3.88
CA LEU A 28 -9.00 -3.26 -3.95
C LEU A 28 -9.38 -2.22 -5.01
N LEU A 29 -8.62 -1.13 -5.06
CA LEU A 29 -8.87 -0.08 -6.04
C LEU A 29 -8.27 -0.42 -7.39
N GLN A 30 -7.07 -1.01 -7.37
CA GLN A 30 -6.39 -1.39 -8.60
C GLN A 30 -7.29 -2.24 -9.48
N GLY A 31 -8.12 -3.08 -8.86
CA GLY A 31 -9.03 -3.93 -9.61
C GLY A 31 -10.42 -3.34 -9.71
N GLY A 32 -11.22 -3.89 -10.62
CA GLY A 32 -12.58 -3.40 -10.80
C GLY A 32 -13.56 -4.07 -9.87
N ALA A 33 -13.34 -3.94 -8.57
CA ALA A 33 -14.22 -4.54 -7.57
C ALA A 33 -15.31 -3.57 -7.14
N ARG A 34 -14.89 -2.37 -6.73
CA ARG A 34 -15.83 -1.35 -6.29
C ARG A 34 -16.64 -0.80 -7.46
N GLN A 35 -15.93 -0.24 -8.44
CA GLN A 35 -16.58 0.32 -9.63
C GLN A 35 -17.29 -0.76 -10.42
N ARG A 36 -18.02 -0.35 -11.45
CA ARG A 36 -18.75 -1.29 -12.30
C ARG A 36 -18.17 -1.31 -13.71
N GLY A 37 -18.04 -0.13 -14.31
CA GLY A 37 -17.49 -0.03 -15.65
C GLY A 37 -18.56 0.28 -16.69
N LEU A 38 -18.30 -0.11 -17.92
CA LEU A 38 -19.24 0.13 -19.01
C LEU A 38 -20.45 -0.79 -18.90
N GLY A 39 -20.20 -2.09 -18.83
CA GLY A 39 -21.27 -3.06 -18.72
C GLY A 39 -21.56 -3.44 -17.27
N SER A 1 5.28 4.01 -10.68
CA SER A 1 6.28 3.23 -9.95
C SER A 1 7.67 3.81 -10.12
N GLN A 2 8.21 4.35 -9.02
CA GLN A 2 9.55 4.95 -9.05
C GLN A 2 10.49 4.24 -8.09
N ALA A 3 11.74 4.08 -8.50
CA ALA A 3 12.74 3.42 -7.68
C ALA A 3 13.64 4.43 -6.97
N GLU A 4 13.41 4.61 -5.67
CA GLU A 4 14.20 5.55 -4.89
C GLU A 4 15.56 4.96 -4.52
N ALA A 5 16.61 5.74 -4.72
CA ALA A 5 17.97 5.29 -4.41
C ALA A 5 18.40 5.78 -3.03
N THR A 6 18.01 7.00 -2.69
CA THR A 6 18.36 7.58 -1.40
C THR A 6 17.98 6.65 -0.26
N ARG A 7 18.88 6.52 0.72
CA ARG A 7 18.63 5.66 1.87
C ARG A 7 18.43 6.49 3.13
N GLN A 8 19.18 7.58 3.25
CA GLN A 8 19.09 8.46 4.41
C GLN A 8 17.64 8.87 4.66
N ALA A 9 16.89 9.06 3.58
CA ALA A 9 15.49 9.46 3.69
C ALA A 9 14.70 8.48 4.54
N ALA A 10 14.84 7.19 4.23
CA ALA A 10 14.15 6.14 4.97
C ALA A 10 12.64 6.29 4.83
N ALA A 11 12.17 6.42 3.59
CA ALA A 11 10.74 6.56 3.32
C ALA A 11 10.00 5.25 3.55
N GLN A 12 8.70 5.34 3.75
CA GLN A 12 7.88 4.16 4.00
C GLN A 12 8.06 3.14 2.89
N GLU A 13 8.21 3.62 1.66
CA GLU A 13 8.39 2.74 0.51
C GLU A 13 9.55 1.77 0.74
N GLU A 14 10.60 2.26 1.40
CA GLU A 14 11.77 1.44 1.68
C GLU A 14 11.39 0.19 2.48
N ARG A 15 10.44 0.35 3.40
CA ARG A 15 9.98 -0.76 4.22
C ARG A 15 9.06 -1.68 3.42
N LEU A 16 9.64 -2.70 2.80
CA LEU A 16 8.87 -3.66 2.02
C LEU A 16 7.70 -4.22 2.83
N ALA A 17 7.92 -4.41 4.12
CA ALA A 17 6.89 -4.93 5.00
C ALA A 17 5.62 -4.08 4.93
N ASP A 18 5.81 -2.78 4.78
CA ASP A 18 4.68 -1.86 4.70
C ASP A 18 3.98 -1.97 3.34
N LEU A 19 4.77 -2.16 2.29
CA LEU A 19 4.24 -2.28 0.94
C LEU A 19 3.38 -3.52 0.81
N ALA A 20 3.89 -4.65 1.31
CA ALA A 20 3.17 -5.92 1.25
C ALA A 20 1.77 -5.78 1.82
N SER A 21 1.64 -4.95 2.86
CA SER A 21 0.35 -4.74 3.50
C SER A 21 -0.51 -3.77 2.69
N ASP A 22 0.05 -2.61 2.38
CA ASP A 22 -0.67 -1.61 1.60
C ASP A 22 -1.17 -2.19 0.29
N LEU A 23 -0.39 -3.10 -0.30
CA LEU A 23 -0.75 -3.73 -1.56
C LEU A 23 -2.17 -4.29 -1.49
N LEU A 24 -2.55 -4.81 -0.32
CA LEU A 24 -3.88 -5.37 -0.13
C LEU A 24 -4.94 -4.28 -0.15
N LEU A 25 -4.60 -3.11 0.39
CA LEU A 25 -5.53 -2.00 0.43
C LEU A 25 -5.65 -1.33 -0.93
N GLN A 26 -4.51 -1.20 -1.63
CA GLN A 26 -4.49 -0.59 -2.95
C GLN A 26 -5.06 -1.53 -4.00
N TYR A 27 -4.81 -2.82 -3.83
CA TYR A 27 -5.31 -3.83 -4.76
C TYR A 27 -6.81 -3.67 -4.99
N LEU A 28 -7.54 -3.45 -3.89
CA LEU A 28 -8.99 -3.29 -3.97
C LEU A 28 -9.36 -2.22 -4.98
N LEU A 29 -8.56 -1.17 -5.06
CA LEU A 29 -8.81 -0.07 -6.00
C LEU A 29 -8.22 -0.40 -7.37
N GLN A 30 -7.07 -1.05 -7.38
CA GLN A 30 -6.41 -1.42 -8.63
C GLN A 30 -7.34 -2.24 -9.51
N GLY A 31 -8.08 -3.16 -8.89
CA GLY A 31 -9.00 -4.00 -9.65
C GLY A 31 -10.21 -3.23 -10.14
N GLY A 32 -11.32 -3.34 -9.43
CA GLY A 32 -12.53 -2.65 -9.82
C GLY A 32 -13.44 -3.52 -10.67
N ALA A 33 -14.07 -4.51 -10.05
CA ALA A 33 -14.97 -5.41 -10.75
C ALA A 33 -16.41 -4.91 -10.70
N ARG A 34 -16.89 -4.66 -9.49
CA ARG A 34 -18.25 -4.17 -9.29
C ARG A 34 -18.25 -2.73 -8.80
N GLN A 35 -17.28 -2.40 -7.95
CA GLN A 35 -17.17 -1.06 -7.40
C GLN A 35 -17.16 -0.01 -8.51
N ARG A 36 -16.41 -0.29 -9.57
CA ARG A 36 -16.31 0.63 -10.70
C ARG A 36 -17.61 0.64 -11.50
N GLY A 37 -18.56 1.48 -11.10
CA GLY A 37 -19.82 1.56 -11.79
C GLY A 37 -19.76 2.48 -13.01
N LEU A 38 -19.56 3.77 -12.76
CA LEU A 38 -19.48 4.73 -13.85
C LEU A 38 -18.16 5.50 -13.80
N GLY A 39 -17.70 5.79 -12.59
CA GLY A 39 -16.44 6.51 -12.44
C GLY A 39 -15.95 6.52 -11.01
N SER A 1 21.05 11.87 10.15
CA SER A 1 21.77 10.68 10.62
C SER A 1 21.60 9.53 9.65
N GLN A 2 22.49 8.53 9.76
CA GLN A 2 22.43 7.37 8.89
C GLN A 2 22.18 6.10 9.69
N ALA A 3 21.06 6.07 10.41
CA ALA A 3 20.70 4.91 11.22
C ALA A 3 19.22 4.58 11.08
N GLU A 4 18.90 3.29 11.17
CA GLU A 4 17.52 2.85 11.06
C GLU A 4 16.78 2.99 12.39
N ALA A 5 16.64 4.23 12.85
CA ALA A 5 15.96 4.50 14.11
C ALA A 5 14.52 4.94 13.86
N THR A 6 14.35 5.99 13.06
CA THR A 6 13.02 6.52 12.76
C THR A 6 12.34 5.68 11.67
N ARG A 7 11.02 5.64 11.70
CA ARG A 7 10.25 4.89 10.72
C ARG A 7 9.30 5.80 9.95
N GLN A 8 8.69 6.74 10.66
CA GLN A 8 7.75 7.67 10.05
C GLN A 8 8.42 8.46 8.93
N ALA A 9 9.56 9.07 9.24
CA ALA A 9 10.30 9.85 8.26
C ALA A 9 10.67 9.01 7.04
N ALA A 10 10.99 7.75 7.29
CA ALA A 10 11.35 6.83 6.21
C ALA A 10 10.24 6.73 5.18
N ALA A 11 10.61 6.47 3.92
CA ALA A 11 9.65 6.34 2.84
C ALA A 11 8.90 5.02 2.93
N GLN A 12 7.69 4.99 2.37
CA GLN A 12 6.87 3.78 2.39
C GLN A 12 7.54 2.66 1.60
N GLU A 13 7.92 2.95 0.37
CA GLU A 13 8.57 1.95 -0.48
C GLU A 13 9.81 1.39 0.20
N GLU A 14 10.53 2.24 0.92
CA GLU A 14 11.74 1.83 1.62
C GLU A 14 11.47 0.61 2.49
N ARG A 15 10.28 0.58 3.09
CA ARG A 15 9.89 -0.54 3.96
C ARG A 15 8.97 -1.50 3.22
N LEU A 16 9.54 -2.59 2.72
CA LEU A 16 8.77 -3.59 2.00
C LEU A 16 7.63 -4.13 2.86
N ALA A 17 7.90 -4.30 4.15
CA ALA A 17 6.90 -4.79 5.08
C ALA A 17 5.61 -4.00 4.98
N ASP A 18 5.74 -2.69 4.78
CA ASP A 18 4.58 -1.81 4.67
C ASP A 18 3.92 -1.95 3.29
N LEU A 19 4.75 -2.14 2.28
CA LEU A 19 4.25 -2.29 0.91
C LEU A 19 3.39 -3.55 0.77
N ALA A 20 3.91 -4.66 1.27
CA ALA A 20 3.19 -5.93 1.21
C ALA A 20 1.79 -5.79 1.81
N SER A 21 1.67 -4.98 2.84
CA SER A 21 0.39 -4.77 3.49
C SER A 21 -0.48 -3.80 2.69
N ASP A 22 0.07 -2.64 2.37
CA ASP A 22 -0.66 -1.64 1.60
C ASP A 22 -1.16 -2.23 0.29
N LEU A 23 -0.39 -3.13 -0.29
CA LEU A 23 -0.75 -3.75 -1.56
C LEU A 23 -2.17 -4.33 -1.49
N LEU A 24 -2.53 -4.84 -0.32
CA LEU A 24 -3.85 -5.41 -0.11
C LEU A 24 -4.93 -4.33 -0.13
N LEU A 25 -4.59 -3.16 0.41
CA LEU A 25 -5.52 -2.05 0.46
C LEU A 25 -5.65 -1.38 -0.91
N GLN A 26 -4.52 -1.25 -1.60
CA GLN A 26 -4.50 -0.63 -2.92
C GLN A 26 -5.09 -1.57 -3.97
N TYR A 27 -4.83 -2.86 -3.81
CA TYR A 27 -5.33 -3.87 -4.74
C TYR A 27 -6.83 -3.72 -4.95
N LEU A 28 -7.54 -3.36 -3.88
CA LEU A 28 -8.99 -3.19 -3.95
C LEU A 28 -9.35 -2.11 -4.96
N LEU A 29 -8.53 -1.07 -5.05
CA LEU A 29 -8.77 0.02 -5.98
C LEU A 29 -8.20 -0.31 -7.37
N GLN A 30 -7.05 -0.99 -7.38
CA GLN A 30 -6.40 -1.36 -8.63
C GLN A 30 -7.38 -2.08 -9.55
N GLY A 31 -8.28 -2.87 -8.98
CA GLY A 31 -9.26 -3.60 -9.76
C GLY A 31 -10.67 -3.40 -9.26
N GLY A 32 -11.34 -4.50 -8.93
CA GLY A 32 -12.71 -4.42 -8.43
C GLY A 32 -13.12 -5.66 -7.67
N ALA A 33 -13.62 -5.47 -6.46
CA ALA A 33 -14.06 -6.57 -5.62
C ALA A 33 -15.34 -7.21 -6.16
N ARG A 34 -16.39 -6.41 -6.27
CA ARG A 34 -17.67 -6.89 -6.77
C ARG A 34 -17.63 -7.05 -8.29
N GLN A 35 -17.08 -6.05 -8.98
CA GLN A 35 -16.99 -6.08 -10.43
C GLN A 35 -15.62 -6.60 -10.87
N ARG A 36 -15.61 -7.35 -11.97
CA ARG A 36 -14.37 -7.90 -12.49
C ARG A 36 -13.33 -6.81 -12.72
N GLY A 37 -13.72 -5.76 -13.45
CA GLY A 37 -12.82 -4.66 -13.73
C GLY A 37 -12.13 -4.81 -15.07
N LEU A 38 -11.91 -3.68 -15.74
CA LEU A 38 -11.26 -3.69 -17.05
C LEU A 38 -9.85 -3.12 -16.95
N GLY A 39 -8.88 -3.99 -16.69
CA GLY A 39 -7.50 -3.55 -16.58
C GLY A 39 -6.55 -4.70 -16.31
N SER A 1 21.80 19.43 3.88
CA SER A 1 21.41 19.69 5.26
C SER A 1 20.44 18.63 5.77
N GLN A 2 19.23 18.63 5.22
CA GLN A 2 18.21 17.67 5.62
C GLN A 2 18.72 16.24 5.46
N ALA A 3 18.12 15.31 6.20
CA ALA A 3 18.52 13.91 6.13
C ALA A 3 17.29 13.00 6.10
N GLU A 4 17.54 11.70 5.96
CA GLU A 4 16.45 10.72 5.91
C GLU A 4 16.27 10.05 7.27
N ALA A 5 16.24 10.85 8.33
CA ALA A 5 16.06 10.33 9.67
C ALA A 5 14.58 10.22 10.04
N THR A 6 13.84 11.30 9.84
CA THR A 6 12.42 11.34 10.14
C THR A 6 11.64 10.38 9.25
N ARG A 7 10.36 10.22 9.54
CA ARG A 7 9.50 9.33 8.76
C ARG A 7 9.05 10.01 7.47
N GLN A 8 8.69 11.28 7.57
CA GLN A 8 8.24 12.04 6.41
C GLN A 8 9.25 11.95 5.27
N ALA A 9 10.53 11.98 5.62
CA ALA A 9 11.59 11.91 4.62
C ALA A 9 11.53 10.59 3.85
N ALA A 10 11.39 9.49 4.58
CA ALA A 10 11.32 8.17 3.97
C ALA A 10 9.98 7.97 3.28
N ALA A 11 9.82 6.82 2.63
CA ALA A 11 8.59 6.49 1.93
C ALA A 11 8.11 5.08 2.26
N GLN A 12 6.94 4.72 1.77
CA GLN A 12 6.37 3.40 2.03
C GLN A 12 7.15 2.32 1.28
N GLU A 13 7.60 2.66 0.07
CA GLU A 13 8.37 1.71 -0.74
C GLU A 13 9.63 1.27 -0.02
N GLU A 14 10.25 2.20 0.71
CA GLU A 14 11.47 1.91 1.46
C GLU A 14 11.29 0.67 2.34
N ARG A 15 10.12 0.58 2.97
CA ARG A 15 9.83 -0.56 3.84
C ARG A 15 8.92 -1.56 3.14
N LEU A 16 9.52 -2.63 2.64
CA LEU A 16 8.76 -3.68 1.94
C LEU A 16 7.63 -4.21 2.81
N ALA A 17 7.93 -4.40 4.10
CA ALA A 17 6.93 -4.91 5.04
C ALA A 17 5.66 -4.08 4.98
N ASP A 18 5.81 -2.77 4.77
CA ASP A 18 4.67 -1.88 4.69
C ASP A 18 3.97 -1.99 3.35
N LEU A 19 4.76 -2.09 2.28
CA LEU A 19 4.22 -2.21 0.93
C LEU A 19 3.38 -3.47 0.79
N ALA A 20 3.91 -4.59 1.29
CA ALA A 20 3.20 -5.86 1.22
C ALA A 20 1.80 -5.74 1.80
N SER A 21 1.67 -4.93 2.85
CA SER A 21 0.38 -4.74 3.50
C SER A 21 -0.50 -3.78 2.70
N ASP A 22 0.05 -2.61 2.39
CA ASP A 22 -0.68 -1.61 1.61
C ASP A 22 -1.19 -2.19 0.30
N LEU A 23 -0.39 -3.09 -0.29
CA LEU A 23 -0.76 -3.71 -1.55
C LEU A 23 -2.17 -4.30 -1.48
N LEU A 24 -2.53 -4.83 -0.31
CA LEU A 24 -3.84 -5.41 -0.11
C LEU A 24 -4.94 -4.34 -0.12
N LEU A 25 -4.60 -3.17 0.42
CA LEU A 25 -5.55 -2.05 0.47
C LEU A 25 -5.68 -1.38 -0.89
N GLN A 26 -4.55 -1.24 -1.58
CA GLN A 26 -4.54 -0.62 -2.90
C GLN A 26 -5.11 -1.56 -3.95
N TYR A 27 -4.84 -2.85 -3.80
CA TYR A 27 -5.33 -3.86 -4.73
C TYR A 27 -6.83 -3.72 -4.95
N LEU A 28 -7.55 -3.40 -3.87
CA LEU A 28 -9.00 -3.24 -3.94
C LEU A 28 -9.38 -2.23 -5.02
N LEU A 29 -8.58 -1.19 -5.16
CA LEU A 29 -8.83 -0.16 -6.16
C LEU A 29 -8.15 -0.50 -7.49
N GLN A 30 -6.97 -1.08 -7.41
CA GLN A 30 -6.22 -1.46 -8.60
C GLN A 30 -7.07 -2.30 -9.54
N GLY A 31 -7.90 -3.17 -8.95
CA GLY A 31 -8.76 -4.03 -9.76
C GLY A 31 -10.14 -4.17 -9.16
N GLY A 32 -11.09 -3.40 -9.68
CA GLY A 32 -12.46 -3.46 -9.19
C GLY A 32 -13.11 -2.09 -9.12
N ALA A 33 -12.87 -1.27 -10.13
CA ALA A 33 -13.43 0.07 -10.18
C ALA A 33 -14.96 0.02 -10.19
N ARG A 34 -15.51 -0.91 -10.95
CA ARG A 34 -16.96 -1.07 -11.05
C ARG A 34 -17.55 -1.51 -9.72
N GLN A 35 -17.00 -2.59 -9.17
CA GLN A 35 -17.48 -3.13 -7.90
C GLN A 35 -17.29 -2.11 -6.77
N ARG A 36 -17.66 -2.51 -5.57
CA ARG A 36 -17.55 -1.63 -4.41
C ARG A 36 -16.09 -1.23 -4.17
N GLY A 37 -15.86 0.05 -3.91
CA GLY A 37 -14.52 0.54 -3.66
C GLY A 37 -14.34 1.99 -4.04
N LEU A 38 -14.86 2.88 -3.19
CA LEU A 38 -14.77 4.32 -3.43
C LEU A 38 -14.09 5.03 -2.27
N GLY A 39 -14.72 4.95 -1.10
CA GLY A 39 -14.17 5.59 0.08
C GLY A 39 -14.37 4.76 1.34
N SER A 1 12.42 15.49 21.39
CA SER A 1 11.56 14.41 20.90
C SER A 1 12.40 13.30 20.29
N GLN A 2 12.51 12.18 21.01
CA GLN A 2 13.29 11.04 20.54
C GLN A 2 12.37 9.88 20.18
N ALA A 3 11.39 10.15 19.32
CA ALA A 3 10.45 9.13 18.89
C ALA A 3 10.02 9.35 17.44
N GLU A 4 9.72 8.26 16.74
CA GLU A 4 9.30 8.34 15.35
C GLU A 4 7.78 8.46 15.26
N ALA A 5 7.31 9.66 14.90
CA ALA A 5 5.88 9.91 14.76
C ALA A 5 5.39 9.57 13.37
N THR A 6 6.04 10.16 12.36
CA THR A 6 5.68 9.93 10.97
C THR A 6 6.77 9.18 10.23
N ARG A 7 6.63 7.86 10.15
CA ARG A 7 7.61 7.03 9.46
C ARG A 7 6.96 6.22 8.36
N GLN A 8 5.72 5.77 8.61
CA GLN A 8 5.00 4.98 7.63
C GLN A 8 4.62 5.82 6.41
N ALA A 9 3.72 6.78 6.61
CA ALA A 9 3.28 7.65 5.52
C ALA A 9 4.48 8.32 4.85
N ALA A 10 5.48 8.68 5.64
CA ALA A 10 6.68 9.33 5.12
C ALA A 10 7.29 8.52 3.98
N ALA A 11 7.82 7.36 4.30
CA ALA A 11 8.42 6.48 3.31
C ALA A 11 7.89 5.06 3.42
N GLN A 12 7.60 4.45 2.27
CA GLN A 12 7.09 3.09 2.25
C GLN A 12 8.06 2.16 1.52
N GLU A 13 8.64 2.64 0.43
CA GLU A 13 9.58 1.86 -0.35
C GLU A 13 10.70 1.32 0.53
N GLU A 14 11.13 2.12 1.50
CA GLU A 14 12.19 1.72 2.41
C GLU A 14 11.79 0.50 3.21
N ARG A 15 10.51 0.43 3.58
CA ARG A 15 9.99 -0.69 4.36
C ARG A 15 9.08 -1.57 3.51
N LEU A 16 9.64 -2.65 2.96
CA LEU A 16 8.88 -3.57 2.13
C LEU A 16 7.69 -4.12 2.89
N ALA A 17 7.88 -4.38 4.18
CA ALA A 17 6.81 -4.92 5.01
C ALA A 17 5.55 -4.07 4.91
N ASP A 18 5.73 -2.76 4.77
CA ASP A 18 4.61 -1.84 4.66
C ASP A 18 3.95 -1.95 3.29
N LEU A 19 4.77 -2.14 2.26
CA LEU A 19 4.27 -2.25 0.89
C LEU A 19 3.43 -3.52 0.73
N ALA A 20 3.95 -4.63 1.22
CA ALA A 20 3.24 -5.90 1.14
C ALA A 20 1.84 -5.80 1.72
N SER A 21 1.71 -5.01 2.78
CA SER A 21 0.42 -4.81 3.44
C SER A 21 -0.45 -3.85 2.66
N ASP A 22 0.09 -2.67 2.37
CA ASP A 22 -0.64 -1.65 1.61
C ASP A 22 -1.16 -2.22 0.29
N LEU A 23 -0.38 -3.11 -0.31
CA LEU A 23 -0.75 -3.71 -1.57
C LEU A 23 -2.16 -4.29 -1.50
N LEU A 24 -2.52 -4.83 -0.35
CA LEU A 24 -3.84 -5.41 -0.13
C LEU A 24 -4.92 -4.33 -0.13
N LEU A 25 -4.58 -3.18 0.43
CA LEU A 25 -5.52 -2.06 0.51
C LEU A 25 -5.65 -1.37 -0.85
N GLN A 26 -4.53 -1.23 -1.55
CA GLN A 26 -4.52 -0.58 -2.85
C GLN A 26 -5.11 -1.50 -3.92
N TYR A 27 -4.84 -2.80 -3.78
CA TYR A 27 -5.35 -3.79 -4.73
C TYR A 27 -6.85 -3.65 -4.93
N LEU A 28 -7.55 -3.33 -3.84
CA LEU A 28 -9.00 -3.15 -3.89
C LEU A 28 -9.39 -2.17 -4.99
N LEU A 29 -8.57 -1.15 -5.18
CA LEU A 29 -8.84 -0.14 -6.21
C LEU A 29 -8.25 -0.56 -7.55
N GLN A 30 -7.09 -1.22 -7.51
CA GLN A 30 -6.44 -1.68 -8.72
C GLN A 30 -7.39 -2.49 -9.59
N GLY A 31 -8.26 -3.27 -8.94
CA GLY A 31 -9.21 -4.08 -9.68
C GLY A 31 -10.45 -4.39 -8.85
N GLY A 32 -11.39 -3.44 -8.84
CA GLY A 32 -12.62 -3.62 -8.09
C GLY A 32 -13.59 -2.48 -8.28
N ALA A 33 -13.21 -1.30 -7.80
CA ALA A 33 -14.06 -0.12 -7.92
C ALA A 33 -14.21 0.30 -9.38
N ARG A 34 -13.09 0.50 -10.06
CA ARG A 34 -13.09 0.89 -11.46
C ARG A 34 -13.41 -0.28 -12.36
N GLN A 35 -12.54 -1.28 -12.37
CA GLN A 35 -12.73 -2.46 -13.19
C GLN A 35 -13.77 -3.39 -12.58
N ARG A 36 -14.61 -3.97 -13.43
CA ARG A 36 -15.66 -4.87 -12.98
C ARG A 36 -16.53 -4.20 -11.91
N GLY A 37 -16.87 -2.95 -12.15
CA GLY A 37 -17.70 -2.22 -11.20
C GLY A 37 -19.12 -2.00 -11.71
N LEU A 38 -19.45 -0.75 -12.00
CA LEU A 38 -20.79 -0.41 -12.50
C LEU A 38 -20.70 0.31 -13.83
N GLY A 39 -20.22 -0.39 -14.86
CA GLY A 39 -20.10 0.21 -16.18
C GLY A 39 -20.59 -0.71 -17.28
N SER A 1 0.46 19.33 10.89
CA SER A 1 1.38 18.61 10.02
C SER A 1 1.87 17.33 10.69
N GLN A 2 1.73 16.22 9.99
CA GLN A 2 2.16 14.93 10.52
C GLN A 2 3.52 14.53 9.96
N ALA A 3 4.45 14.20 10.85
CA ALA A 3 5.79 13.80 10.44
C ALA A 3 6.04 12.32 10.74
N GLU A 4 6.61 11.62 9.77
CA GLU A 4 6.91 10.20 9.92
C GLU A 4 7.74 9.95 11.17
N ALA A 5 7.40 8.89 11.90
CA ALA A 5 8.11 8.54 13.11
C ALA A 5 9.58 8.21 12.81
N THR A 6 9.81 7.13 12.09
CA THR A 6 11.16 6.71 11.74
C THR A 6 11.90 7.82 11.00
N ARG A 7 13.12 8.11 11.46
CA ARG A 7 13.94 9.16 10.85
C ARG A 7 14.94 8.56 9.88
N GLN A 8 15.47 7.38 10.23
CA GLN A 8 16.44 6.70 9.38
C GLN A 8 15.91 6.51 7.98
N ALA A 9 14.72 5.92 7.87
CA ALA A 9 14.10 5.67 6.57
C ALA A 9 13.21 6.84 6.16
N ALA A 10 12.09 7.02 6.88
CA ALA A 10 11.16 8.10 6.59
C ALA A 10 10.61 7.98 5.18
N ALA A 11 10.12 6.80 4.84
CA ALA A 11 9.55 6.56 3.52
C ALA A 11 8.45 5.51 3.57
N GLN A 12 7.77 5.31 2.44
CA GLN A 12 6.69 4.33 2.36
C GLN A 12 7.11 3.13 1.52
N GLU A 13 7.48 3.39 0.27
CA GLU A 13 7.89 2.33 -0.65
C GLU A 13 9.12 1.60 -0.11
N GLU A 14 10.03 2.36 0.50
CA GLU A 14 11.25 1.79 1.06
C GLU A 14 10.93 0.64 2.01
N ARG A 15 9.90 0.82 2.83
CA ARG A 15 9.49 -0.19 3.78
C ARG A 15 8.73 -1.32 3.09
N LEU A 16 9.46 -2.35 2.68
CA LEU A 16 8.85 -3.49 1.99
C LEU A 16 7.70 -4.06 2.80
N ALA A 17 7.94 -4.30 4.09
CA ALA A 17 6.92 -4.83 4.97
C ALA A 17 5.63 -4.02 4.89
N ASP A 18 5.78 -2.70 4.74
CA ASP A 18 4.64 -1.81 4.65
C ASP A 18 3.95 -1.94 3.29
N LEU A 19 4.75 -2.15 2.25
CA LEU A 19 4.22 -2.29 0.89
C LEU A 19 3.38 -3.57 0.78
N ALA A 20 3.91 -4.67 1.28
CA ALA A 20 3.22 -5.95 1.23
C ALA A 20 1.81 -5.82 1.80
N SER A 21 1.66 -4.99 2.84
CA SER A 21 0.37 -4.79 3.48
C SER A 21 -0.49 -3.84 2.66
N ASP A 22 0.06 -2.67 2.36
CA ASP A 22 -0.66 -1.66 1.58
C ASP A 22 -1.17 -2.25 0.27
N LEU A 23 -0.39 -3.15 -0.31
CA LEU A 23 -0.76 -3.78 -1.57
C LEU A 23 -2.17 -4.35 -1.50
N LEU A 24 -2.54 -4.87 -0.33
CA LEU A 24 -3.87 -5.43 -0.12
C LEU A 24 -4.94 -4.35 -0.14
N LEU A 25 -4.60 -3.18 0.39
CA LEU A 25 -5.53 -2.06 0.43
C LEU A 25 -5.65 -1.40 -0.94
N GLN A 26 -4.52 -1.27 -1.63
CA GLN A 26 -4.50 -0.66 -2.95
C GLN A 26 -5.08 -1.60 -4.00
N TYR A 27 -4.83 -2.89 -3.83
CA TYR A 27 -5.33 -3.90 -4.76
C TYR A 27 -6.83 -3.75 -4.98
N LEU A 28 -7.54 -3.39 -3.91
CA LEU A 28 -8.99 -3.21 -3.98
C LEU A 28 -9.35 -2.14 -5.00
N LEU A 29 -8.54 -1.09 -5.07
CA LEU A 29 -8.78 0.00 -6.01
C LEU A 29 -8.21 -0.33 -7.38
N GLN A 30 -7.05 -0.96 -7.41
CA GLN A 30 -6.40 -1.35 -8.65
C GLN A 30 -7.36 -2.13 -9.54
N GLY A 31 -8.19 -2.95 -8.92
CA GLY A 31 -9.15 -3.76 -9.67
C GLY A 31 -9.88 -4.76 -8.80
N GLY A 32 -11.11 -5.08 -9.16
CA GLY A 32 -11.89 -6.04 -8.39
C GLY A 32 -13.20 -6.38 -9.08
N ALA A 33 -13.17 -7.40 -9.95
CA ALA A 33 -14.35 -7.83 -10.66
C ALA A 33 -14.99 -9.04 -9.98
N ARG A 34 -14.19 -10.08 -9.77
CA ARG A 34 -14.69 -11.30 -9.13
C ARG A 34 -14.46 -11.24 -7.63
N GLN A 35 -13.35 -10.66 -7.22
CA GLN A 35 -13.01 -10.54 -5.80
C GLN A 35 -13.02 -11.91 -5.12
N ARG A 36 -12.21 -12.82 -5.65
CA ARG A 36 -12.12 -14.17 -5.10
C ARG A 36 -10.81 -14.84 -5.51
N GLY A 37 -10.16 -15.48 -4.55
CA GLY A 37 -8.90 -16.14 -4.81
C GLY A 37 -8.74 -17.44 -4.04
N LEU A 38 -7.53 -17.73 -3.60
CA LEU A 38 -7.25 -18.94 -2.84
C LEU A 38 -6.47 -18.63 -1.57
N GLY A 39 -6.81 -17.51 -0.92
CA GLY A 39 -6.13 -17.13 0.29
C GLY A 39 -5.19 -15.95 0.09
N SER A 1 0.16 -0.24 22.52
CA SER A 1 0.73 -0.17 23.87
C SER A 1 1.79 -1.25 24.06
N GLN A 2 1.39 -2.50 23.95
CA GLN A 2 2.32 -3.62 24.11
C GLN A 2 3.40 -3.60 23.03
N ALA A 3 2.99 -3.32 21.79
CA ALA A 3 3.91 -3.27 20.68
C ALA A 3 3.71 -2.00 19.85
N GLU A 4 4.54 -1.82 18.84
CA GLU A 4 4.46 -0.65 17.97
C GLU A 4 3.56 -0.93 16.76
N ALA A 5 2.37 -0.34 16.77
CA ALA A 5 1.42 -0.51 15.67
C ALA A 5 1.73 0.44 14.53
N THR A 6 1.98 1.70 14.86
CA THR A 6 2.28 2.71 13.85
C THR A 6 3.59 2.39 13.14
N ARG A 7 3.49 2.04 11.86
CA ARG A 7 4.66 1.71 11.06
C ARG A 7 4.78 2.66 9.86
N GLN A 8 3.65 3.01 9.27
CA GLN A 8 3.62 3.89 8.11
C GLN A 8 4.39 5.18 8.41
N ALA A 9 4.28 5.66 9.65
CA ALA A 9 4.96 6.89 10.05
C ALA A 9 6.44 6.83 9.71
N ALA A 10 7.04 5.65 9.90
CA ALA A 10 8.46 5.47 9.62
C ALA A 10 8.73 5.53 8.12
N ALA A 11 8.28 4.51 7.40
CA ALA A 11 8.47 4.45 5.95
C ALA A 11 7.40 3.58 5.30
N GLN A 12 7.32 3.66 3.97
CA GLN A 12 6.35 2.89 3.22
C GLN A 12 6.99 2.19 2.02
N GLU A 13 7.87 2.92 1.33
CA GLU A 13 8.56 2.37 0.16
C GLU A 13 9.70 1.46 0.59
N GLU A 14 10.72 2.06 1.22
CA GLU A 14 11.88 1.30 1.67
C GLU A 14 11.46 0.11 2.53
N ARG A 15 10.43 0.31 3.34
CA ARG A 15 9.93 -0.75 4.21
C ARG A 15 9.00 -1.68 3.44
N LEU A 16 9.57 -2.74 2.88
CA LEU A 16 8.80 -3.72 2.11
C LEU A 16 7.61 -4.23 2.93
N ALA A 17 7.83 -4.42 4.23
CA ALA A 17 6.77 -4.91 5.10
C ALA A 17 5.52 -4.05 4.98
N ASP A 18 5.71 -2.75 4.77
CA ASP A 18 4.59 -1.83 4.63
C ASP A 18 3.94 -1.97 3.26
N LEU A 19 4.77 -2.09 2.22
CA LEU A 19 4.28 -2.23 0.86
C LEU A 19 3.43 -3.49 0.72
N ALA A 20 3.96 -4.61 1.20
CA ALA A 20 3.25 -5.88 1.13
C ALA A 20 1.84 -5.77 1.73
N SER A 21 1.72 -4.96 2.77
CA SER A 21 0.43 -4.76 3.44
C SER A 21 -0.45 -3.81 2.63
N ASP A 22 0.10 -2.64 2.33
CA ASP A 22 -0.63 -1.63 1.57
C ASP A 22 -1.15 -2.20 0.26
N LEU A 23 -0.36 -3.09 -0.34
CA LEU A 23 -0.73 -3.72 -1.61
C LEU A 23 -2.14 -4.29 -1.53
N LEU A 24 -2.50 -4.82 -0.36
CA LEU A 24 -3.82 -5.41 -0.16
C LEU A 24 -4.90 -4.32 -0.16
N LEU A 25 -4.57 -3.16 0.38
CA LEU A 25 -5.51 -2.05 0.44
C LEU A 25 -5.64 -1.38 -0.91
N GLN A 26 -4.51 -1.23 -1.61
CA GLN A 26 -4.50 -0.60 -2.93
C GLN A 26 -5.09 -1.53 -3.98
N TYR A 27 -4.82 -2.83 -3.82
CA TYR A 27 -5.32 -3.82 -4.77
C TYR A 27 -6.82 -3.68 -4.97
N LEU A 28 -7.53 -3.44 -3.89
CA LEU A 28 -8.99 -3.29 -3.94
C LEU A 28 -9.38 -2.24 -4.98
N LEU A 29 -8.59 -1.17 -5.07
CA LEU A 29 -8.86 -0.10 -6.02
C LEU A 29 -8.27 -0.43 -7.39
N GLN A 30 -7.10 -1.07 -7.38
CA GLN A 30 -6.43 -1.44 -8.62
C GLN A 30 -7.36 -2.26 -9.52
N GLY A 31 -8.15 -3.14 -8.89
CA GLY A 31 -9.06 -3.98 -9.64
C GLY A 31 -9.68 -5.07 -8.80
N GLY A 32 -10.92 -5.41 -9.09
CA GLY A 32 -11.62 -6.44 -8.34
C GLY A 32 -13.11 -6.45 -8.57
N ALA A 33 -13.50 -6.22 -9.82
CA ALA A 33 -14.91 -6.19 -10.18
C ALA A 33 -15.42 -7.59 -10.53
N ARG A 34 -14.69 -8.27 -11.40
CA ARG A 34 -15.08 -9.62 -11.81
C ARG A 34 -15.13 -10.56 -10.60
N GLN A 35 -14.22 -10.36 -9.65
CA GLN A 35 -14.17 -11.18 -8.45
C GLN A 35 -15.33 -10.85 -7.52
N ARG A 36 -15.95 -11.89 -6.97
CA ARG A 36 -17.07 -11.72 -6.06
C ARG A 36 -18.14 -10.82 -6.68
N GLY A 37 -18.52 -11.13 -7.91
CA GLY A 37 -19.53 -10.34 -8.60
C GLY A 37 -20.61 -11.20 -9.22
N LEU A 38 -21.68 -11.43 -8.47
CA LEU A 38 -22.80 -12.24 -8.95
C LEU A 38 -24.09 -11.43 -8.99
N GLY A 39 -24.25 -10.62 -10.02
CA GLY A 39 -25.44 -9.81 -10.15
C GLY A 39 -25.85 -9.60 -11.59
N SER A 1 28.05 13.40 5.30
CA SER A 1 27.66 12.24 6.10
C SER A 1 26.33 11.68 5.63
N GLN A 2 26.24 10.35 5.58
CA GLN A 2 25.02 9.69 5.13
C GLN A 2 24.44 8.82 6.25
N ALA A 3 24.07 9.46 7.35
CA ALA A 3 23.50 8.75 8.49
C ALA A 3 22.11 8.20 8.15
N GLU A 4 21.88 6.93 8.50
CA GLU A 4 20.60 6.29 8.24
C GLU A 4 19.71 6.34 9.47
N ALA A 5 19.32 7.55 9.87
CA ALA A 5 18.46 7.73 11.02
C ALA A 5 16.99 7.57 10.65
N THR A 6 16.50 8.44 9.77
CA THR A 6 15.11 8.39 9.34
C THR A 6 15.02 8.35 7.81
N ARG A 7 15.15 7.15 7.26
CA ARG A 7 15.09 6.97 5.81
C ARG A 7 14.03 5.93 5.45
N GLN A 8 13.96 4.85 6.22
CA GLN A 8 12.99 3.79 5.98
C GLN A 8 11.57 4.28 6.23
N ALA A 9 11.41 5.10 7.27
CA ALA A 9 10.11 5.64 7.64
C ALA A 9 9.66 6.70 6.63
N ALA A 10 10.61 7.50 6.16
CA ALA A 10 10.30 8.55 5.19
C ALA A 10 9.77 7.97 3.89
N ALA A 11 10.46 6.95 3.38
CA ALA A 11 10.06 6.31 2.14
C ALA A 11 9.21 5.06 2.41
N GLN A 12 7.95 5.11 1.99
CA GLN A 12 7.04 3.99 2.21
C GLN A 12 7.49 2.77 1.40
N GLU A 13 8.01 3.00 0.21
CA GLU A 13 8.47 1.93 -0.65
C GLU A 13 9.66 1.20 -0.03
N GLU A 14 10.53 1.96 0.64
CA GLU A 14 11.70 1.39 1.29
C GLU A 14 11.31 0.25 2.22
N ARG A 15 10.22 0.45 2.96
CA ARG A 15 9.74 -0.55 3.90
C ARG A 15 8.88 -1.60 3.19
N LEU A 16 9.52 -2.65 2.70
CA LEU A 16 8.80 -3.71 2.00
C LEU A 16 7.65 -4.25 2.84
N ALA A 17 7.90 -4.43 4.13
CA ALA A 17 6.89 -4.93 5.05
C ALA A 17 5.62 -4.10 4.97
N ASP A 18 5.78 -2.79 4.78
CA ASP A 18 4.65 -1.89 4.69
C ASP A 18 3.95 -2.02 3.33
N LEU A 19 4.76 -2.11 2.27
CA LEU A 19 4.22 -2.23 0.92
C LEU A 19 3.38 -3.49 0.78
N ALA A 20 3.90 -4.61 1.29
CA ALA A 20 3.18 -5.88 1.23
C ALA A 20 1.78 -5.74 1.82
N SER A 21 1.65 -4.93 2.85
CA SER A 21 0.36 -4.72 3.50
C SER A 21 -0.51 -3.76 2.69
N ASP A 22 0.04 -2.60 2.37
CA ASP A 22 -0.69 -1.61 1.59
C ASP A 22 -1.19 -2.20 0.27
N LEU A 23 -0.40 -3.09 -0.30
CA LEU A 23 -0.77 -3.73 -1.56
C LEU A 23 -2.17 -4.31 -1.50
N LEU A 24 -2.54 -4.82 -0.33
CA LEU A 24 -3.86 -5.40 -0.13
C LEU A 24 -4.94 -4.32 -0.14
N LEU A 25 -4.61 -3.15 0.39
CA LEU A 25 -5.55 -2.04 0.43
C LEU A 25 -5.67 -1.38 -0.93
N GLN A 26 -4.54 -1.24 -1.63
CA GLN A 26 -4.52 -0.63 -2.95
C GLN A 26 -5.09 -1.57 -4.00
N TYR A 27 -4.84 -2.87 -3.83
CA TYR A 27 -5.33 -3.87 -4.76
C TYR A 27 -6.83 -3.73 -4.98
N LEU A 28 -7.55 -3.42 -3.90
CA LEU A 28 -9.00 -3.26 -3.97
C LEU A 28 -9.37 -2.21 -5.02
N LEU A 29 -8.58 -1.15 -5.10
CA LEU A 29 -8.83 -0.08 -6.07
C LEU A 29 -8.22 -0.41 -7.43
N GLN A 30 -7.05 -1.06 -7.40
CA GLN A 30 -6.36 -1.44 -8.62
C GLN A 30 -7.23 -2.36 -9.48
N GLY A 31 -7.90 -3.30 -8.83
CA GLY A 31 -8.76 -4.23 -9.54
C GLY A 31 -10.08 -4.46 -8.85
N GLY A 32 -11.10 -4.83 -9.62
CA GLY A 32 -12.42 -5.07 -9.05
C GLY A 32 -12.63 -6.53 -8.70
N ALA A 33 -12.44 -6.87 -7.43
CA ALA A 33 -12.62 -8.24 -6.97
C ALA A 33 -14.10 -8.63 -6.98
N ARG A 34 -14.91 -7.89 -6.23
CA ARG A 34 -16.34 -8.15 -6.14
C ARG A 34 -16.97 -8.16 -7.53
N GLN A 35 -16.49 -7.27 -8.40
CA GLN A 35 -17.00 -7.19 -9.76
C GLN A 35 -16.98 -8.55 -10.45
N ARG A 36 -15.78 -9.04 -10.71
CA ARG A 36 -15.60 -10.33 -11.37
C ARG A 36 -15.70 -11.47 -10.36
N GLY A 37 -16.90 -12.02 -10.22
CA GLY A 37 -17.10 -13.12 -9.29
C GLY A 37 -18.07 -14.17 -9.82
N LEU A 38 -17.81 -15.42 -9.49
CA LEU A 38 -18.65 -16.52 -9.94
C LEU A 38 -18.80 -16.51 -11.45
N GLY A 39 -17.66 -16.47 -12.15
CA GLY A 39 -17.68 -16.46 -13.60
C GLY A 39 -16.74 -15.42 -14.18
N SER A 1 -3.61 -1.69 7.79
CA SER A 1 -3.36 -0.38 8.38
C SER A 1 -3.08 0.66 7.30
N GLN A 2 -3.87 1.73 7.31
CA GLN A 2 -3.72 2.81 6.33
C GLN A 2 -2.86 3.94 6.89
N ALA A 3 -1.82 3.58 7.63
CA ALA A 3 -0.92 4.57 8.22
C ALA A 3 0.13 5.03 7.22
N GLU A 4 1.04 5.87 7.68
CA GLU A 4 2.10 6.39 6.81
C GLU A 4 3.48 6.04 7.38
N ALA A 5 4.42 5.76 6.48
CA ALA A 5 5.78 5.42 6.89
C ALA A 5 6.58 6.66 7.24
N THR A 6 6.47 7.69 6.40
CA THR A 6 7.19 8.93 6.63
C THR A 6 6.66 10.04 5.72
N ARG A 7 6.89 11.29 6.12
CA ARG A 7 6.43 12.44 5.34
C ARG A 7 7.62 13.20 4.76
N GLN A 8 8.70 13.29 5.53
CA GLN A 8 9.90 13.99 5.10
C GLN A 8 10.48 13.34 3.84
N ALA A 9 10.96 12.11 3.98
CA ALA A 9 11.55 11.39 2.87
C ALA A 9 10.46 10.85 1.93
N ALA A 10 9.35 10.42 2.50
CA ALA A 10 8.23 9.89 1.72
C ALA A 10 8.67 8.69 0.89
N ALA A 11 9.35 7.74 1.54
CA ALA A 11 9.82 6.54 0.86
C ALA A 11 9.13 5.29 1.41
N GLN A 12 8.07 4.87 0.74
CA GLN A 12 7.32 3.70 1.17
C GLN A 12 7.97 2.42 0.65
N GLU A 13 8.52 2.49 -0.57
CA GLU A 13 9.18 1.35 -1.18
C GLU A 13 10.26 0.78 -0.26
N GLU A 14 10.95 1.68 0.45
CA GLU A 14 12.01 1.28 1.36
C GLU A 14 11.52 0.21 2.35
N ARG A 15 10.32 0.43 2.87
CA ARG A 15 9.73 -0.50 3.84
C ARG A 15 8.86 -1.53 3.11
N LEU A 16 9.47 -2.63 2.70
CA LEU A 16 8.76 -3.70 2.01
C LEU A 16 7.58 -4.19 2.84
N ALA A 17 7.83 -4.42 4.13
CA ALA A 17 6.80 -4.89 5.03
C ALA A 17 5.54 -4.02 4.94
N ASP A 18 5.74 -2.72 4.74
CA ASP A 18 4.64 -1.78 4.64
C ASP A 18 3.96 -1.88 3.28
N LEU A 19 4.76 -2.13 2.25
CA LEU A 19 4.24 -2.25 0.89
C LEU A 19 3.39 -3.50 0.75
N ALA A 20 3.89 -4.62 1.25
CA ALA A 20 3.16 -5.89 1.19
C ALA A 20 1.78 -5.76 1.79
N SER A 21 1.66 -4.95 2.84
CA SER A 21 0.38 -4.75 3.50
C SER A 21 -0.51 -3.79 2.71
N ASP A 22 0.06 -2.64 2.34
CA ASP A 22 -0.68 -1.64 1.58
C ASP A 22 -1.18 -2.23 0.27
N LEU A 23 -0.39 -3.12 -0.31
CA LEU A 23 -0.77 -3.75 -1.57
C LEU A 23 -2.17 -4.34 -1.50
N LEU A 24 -2.53 -4.85 -0.33
CA LEU A 24 -3.85 -5.44 -0.13
C LEU A 24 -4.94 -4.36 -0.13
N LEU A 25 -4.60 -3.19 0.40
CA LEU A 25 -5.54 -2.08 0.45
C LEU A 25 -5.67 -1.42 -0.92
N GLN A 26 -4.56 -1.27 -1.61
CA GLN A 26 -4.54 -0.66 -2.93
C GLN A 26 -5.12 -1.60 -3.98
N TYR A 27 -4.86 -2.89 -3.82
CA TYR A 27 -5.34 -3.90 -4.74
C TYR A 27 -6.85 -3.76 -4.96
N LEU A 28 -7.56 -3.41 -3.89
CA LEU A 28 -9.00 -3.24 -3.95
C LEU A 28 -9.39 -2.20 -5.00
N LEU A 29 -8.57 -1.16 -5.13
CA LEU A 29 -8.82 -0.10 -6.09
C LEU A 29 -8.19 -0.43 -7.44
N GLN A 30 -7.00 -1.02 -7.40
CA GLN A 30 -6.29 -1.39 -8.62
C GLN A 30 -7.18 -2.21 -9.54
N GLY A 31 -8.03 -3.06 -8.95
CA GLY A 31 -8.92 -3.89 -9.73
C GLY A 31 -8.56 -5.36 -9.65
N GLY A 32 -8.96 -6.12 -10.66
CA GLY A 32 -8.67 -7.55 -10.69
C GLY A 32 -9.08 -8.20 -11.99
N ALA A 33 -8.87 -9.51 -12.07
CA ALA A 33 -9.22 -10.25 -13.28
C ALA A 33 -10.55 -10.99 -13.10
N ARG A 34 -10.79 -11.47 -11.89
CA ARG A 34 -12.02 -12.20 -11.59
C ARG A 34 -13.24 -11.32 -11.84
N GLN A 35 -13.11 -10.03 -11.55
CA GLN A 35 -14.21 -9.08 -11.74
C GLN A 35 -14.44 -8.82 -13.22
N ARG A 36 -15.47 -8.04 -13.53
CA ARG A 36 -15.79 -7.70 -14.90
C ARG A 36 -15.48 -6.24 -15.20
N GLY A 37 -14.91 -5.99 -16.37
CA GLY A 37 -14.56 -4.62 -16.75
C GLY A 37 -13.15 -4.50 -17.29
N LEU A 38 -12.97 -3.64 -18.27
CA LEU A 38 -11.66 -3.44 -18.89
C LEU A 38 -11.27 -1.96 -18.86
N GLY A 39 -12.01 -1.14 -19.60
CA GLY A 39 -11.72 0.28 -19.65
C GLY A 39 -12.32 1.03 -18.47
N SER A 1 6.04 19.19 19.46
CA SER A 1 7.02 18.34 18.80
C SER A 1 6.36 17.11 18.19
N GLN A 2 7.06 16.47 17.27
CA GLN A 2 6.53 15.28 16.61
C GLN A 2 7.64 14.27 16.32
N ALA A 3 7.26 13.06 15.93
CA ALA A 3 8.22 12.01 15.63
C ALA A 3 8.33 11.78 14.13
N GLU A 4 9.56 11.79 13.62
CA GLU A 4 9.79 11.58 12.19
C GLU A 4 11.28 11.38 11.92
N ALA A 5 11.65 10.16 11.52
CA ALA A 5 13.03 9.84 11.22
C ALA A 5 13.38 10.19 9.78
N THR A 6 12.77 9.47 8.83
CA THR A 6 13.03 9.71 7.42
C THR A 6 11.98 10.66 6.83
N ARG A 7 12.23 11.95 6.95
CA ARG A 7 11.32 12.96 6.44
C ARG A 7 11.66 13.32 4.99
N GLN A 8 12.96 13.33 4.68
CA GLN A 8 13.41 13.64 3.32
C GLN A 8 12.69 12.77 2.29
N ALA A 9 12.72 11.47 2.51
CA ALA A 9 12.08 10.53 1.60
C ALA A 9 10.57 10.49 1.82
N ALA A 10 10.16 10.08 3.01
CA ALA A 10 8.73 10.01 3.35
C ALA A 10 7.97 9.19 2.32
N ALA A 11 8.49 8.00 2.01
CA ALA A 11 7.86 7.12 1.04
C ALA A 11 7.39 5.83 1.70
N GLN A 12 6.69 5.00 0.93
CA GLN A 12 6.19 3.73 1.45
C GLN A 12 6.95 2.55 0.83
N GLU A 13 7.29 2.68 -0.44
CA GLU A 13 8.03 1.64 -1.15
C GLU A 13 9.29 1.25 -0.39
N GLU A 14 9.92 2.24 0.24
CA GLU A 14 11.14 2.00 1.00
C GLU A 14 10.94 0.88 2.00
N ARG A 15 9.75 0.80 2.58
CA ARG A 15 9.43 -0.22 3.56
C ARG A 15 8.65 -1.37 2.93
N LEU A 16 9.38 -2.41 2.53
CA LEU A 16 8.76 -3.57 1.89
C LEU A 16 7.65 -4.14 2.77
N ALA A 17 7.95 -4.34 4.05
CA ALA A 17 6.98 -4.88 5.00
C ALA A 17 5.68 -4.09 4.96
N ASP A 18 5.80 -2.77 4.78
CA ASP A 18 4.63 -1.90 4.73
C ASP A 18 3.93 -2.02 3.37
N LEU A 19 4.74 -2.14 2.31
CA LEU A 19 4.20 -2.27 0.96
C LEU A 19 3.35 -3.52 0.81
N ALA A 20 3.89 -4.65 1.29
CA ALA A 20 3.18 -5.92 1.21
C ALA A 20 1.78 -5.80 1.79
N SER A 21 1.64 -4.99 2.83
CA SER A 21 0.34 -4.80 3.49
C SER A 21 -0.53 -3.83 2.68
N ASP A 22 0.03 -2.66 2.38
CA ASP A 22 -0.69 -1.66 1.61
C ASP A 22 -1.20 -2.24 0.29
N LEU A 23 -0.42 -3.14 -0.29
CA LEU A 23 -0.79 -3.76 -1.57
C LEU A 23 -2.20 -4.34 -1.50
N LEU A 24 -2.56 -4.86 -0.32
CA LEU A 24 -3.89 -5.43 -0.12
C LEU A 24 -4.97 -4.35 -0.13
N LEU A 25 -4.63 -3.19 0.40
CA LEU A 25 -5.57 -2.08 0.45
C LEU A 25 -5.68 -1.40 -0.92
N GLN A 26 -4.55 -1.26 -1.60
CA GLN A 26 -4.53 -0.64 -2.92
C GLN A 26 -5.11 -1.58 -3.98
N TYR A 27 -4.86 -2.87 -3.81
CA TYR A 27 -5.36 -3.87 -4.75
C TYR A 27 -6.86 -3.72 -4.97
N LEU A 28 -7.57 -3.36 -3.90
CA LEU A 28 -9.02 -3.18 -3.98
C LEU A 28 -9.37 -2.14 -5.04
N LEU A 29 -8.55 -1.12 -5.17
CA LEU A 29 -8.79 -0.07 -6.15
C LEU A 29 -8.14 -0.41 -7.49
N GLN A 30 -6.98 -1.05 -7.43
CA GLN A 30 -6.26 -1.43 -8.64
C GLN A 30 -7.17 -2.21 -9.59
N GLY A 31 -8.03 -3.06 -9.02
CA GLY A 31 -8.93 -3.84 -9.84
C GLY A 31 -8.23 -4.97 -10.58
N GLY A 32 -7.65 -4.65 -11.72
CA GLY A 32 -6.96 -5.66 -12.51
C GLY A 32 -7.28 -5.56 -13.99
N ALA A 33 -7.20 -4.35 -14.53
CA ALA A 33 -7.48 -4.14 -15.95
C ALA A 33 -6.36 -4.67 -16.83
N ARG A 34 -5.13 -4.41 -16.42
CA ARG A 34 -3.96 -4.87 -17.17
C ARG A 34 -3.23 -5.97 -16.42
N GLN A 35 -3.19 -5.85 -15.10
CA GLN A 35 -2.52 -6.84 -14.26
C GLN A 35 -3.02 -8.24 -14.56
N ARG A 36 -2.29 -9.25 -14.09
CA ARG A 36 -2.66 -10.64 -14.32
C ARG A 36 -3.32 -11.24 -13.07
N GLY A 37 -2.76 -10.93 -11.91
CA GLY A 37 -3.29 -11.45 -10.67
C GLY A 37 -2.40 -12.48 -10.02
N LEU A 38 -2.98 -13.60 -9.60
CA LEU A 38 -2.22 -14.67 -8.96
C LEU A 38 -1.42 -14.13 -7.77
N GLY A 39 -2.04 -13.24 -7.00
CA GLY A 39 -1.37 -12.67 -5.84
C GLY A 39 -1.83 -13.29 -4.55
N SER A 1 6.95 8.17 26.74
CA SER A 1 6.28 7.01 26.14
C SER A 1 6.20 7.17 24.63
N GLN A 2 5.41 8.14 24.17
CA GLN A 2 5.23 8.38 22.74
C GLN A 2 5.96 9.66 22.33
N ALA A 3 6.72 9.57 21.24
CA ALA A 3 7.46 10.72 20.74
C ALA A 3 8.05 10.43 19.35
N GLU A 4 8.44 11.48 18.65
CA GLU A 4 9.02 11.34 17.32
C GLU A 4 10.28 12.20 17.18
N ALA A 5 11.43 11.53 17.14
CA ALA A 5 12.71 12.24 17.01
C ALA A 5 13.18 12.25 15.56
N THR A 6 12.97 11.13 14.87
CA THR A 6 13.38 11.01 13.47
C THR A 6 12.21 11.28 12.54
N ARG A 7 12.52 11.47 11.26
CA ARG A 7 11.49 11.74 10.25
C ARG A 7 11.54 10.71 9.14
N GLN A 8 12.74 10.29 8.77
CA GLN A 8 12.93 9.31 7.72
C GLN A 8 12.08 8.07 7.96
N ALA A 9 11.93 7.70 9.23
CA ALA A 9 11.13 6.53 9.61
C ALA A 9 9.74 6.60 8.98
N ALA A 10 9.20 7.82 8.89
CA ALA A 10 7.87 8.02 8.32
C ALA A 10 7.76 7.35 6.95
N ALA A 11 8.83 7.45 6.16
CA ALA A 11 8.85 6.86 4.83
C ALA A 11 8.44 5.40 4.87
N GLN A 12 7.39 5.05 4.12
CA GLN A 12 6.90 3.68 4.07
C GLN A 12 7.22 3.03 2.73
N GLU A 13 8.37 3.38 2.17
CA GLU A 13 8.79 2.83 0.88
C GLU A 13 9.78 1.68 1.07
N GLU A 14 10.95 2.01 1.59
CA GLU A 14 11.99 1.00 1.82
C GLU A 14 11.44 -0.18 2.62
N ARG A 15 10.53 0.11 3.56
CA ARG A 15 9.93 -0.92 4.38
C ARG A 15 9.03 -1.84 3.54
N LEU A 16 9.62 -2.89 2.98
CA LEU A 16 8.88 -3.83 2.15
C LEU A 16 7.64 -4.34 2.89
N ALA A 17 7.78 -4.53 4.19
CA ALA A 17 6.67 -5.02 5.01
C ALA A 17 5.47 -4.10 4.89
N ASP A 18 5.72 -2.80 4.79
CA ASP A 18 4.66 -1.82 4.68
C ASP A 18 3.97 -1.90 3.32
N LEU A 19 4.77 -2.15 2.28
CA LEU A 19 4.25 -2.26 0.91
C LEU A 19 3.37 -3.50 0.77
N ALA A 20 3.87 -4.62 1.29
CA ALA A 20 3.13 -5.88 1.22
C ALA A 20 1.73 -5.73 1.81
N SER A 21 1.62 -4.92 2.87
CA SER A 21 0.33 -4.70 3.52
C SER A 21 -0.53 -3.73 2.71
N ASP A 22 0.05 -2.60 2.34
CA ASP A 22 -0.67 -1.59 1.57
C ASP A 22 -1.18 -2.18 0.26
N LEU A 23 -0.39 -3.08 -0.33
CA LEU A 23 -0.76 -3.71 -1.58
C LEU A 23 -2.18 -4.28 -1.52
N LEU A 24 -2.55 -4.80 -0.35
CA LEU A 24 -3.87 -5.37 -0.15
C LEU A 24 -4.94 -4.28 -0.17
N LEU A 25 -4.61 -3.11 0.36
CA LEU A 25 -5.54 -1.99 0.40
C LEU A 25 -5.64 -1.33 -0.97
N GLN A 26 -4.51 -1.21 -1.65
CA GLN A 26 -4.49 -0.58 -2.98
C GLN A 26 -5.07 -1.53 -4.03
N TYR A 27 -4.82 -2.82 -3.86
CA TYR A 27 -5.31 -3.82 -4.79
C TYR A 27 -6.81 -3.67 -5.01
N LEU A 28 -7.55 -3.50 -3.92
CA LEU A 28 -9.00 -3.35 -3.99
C LEU A 28 -9.38 -2.24 -4.97
N LEU A 29 -8.57 -1.19 -5.01
CA LEU A 29 -8.81 -0.07 -5.91
C LEU A 29 -8.26 -0.35 -7.29
N GLN A 30 -7.12 -1.03 -7.34
CA GLN A 30 -6.48 -1.36 -8.62
C GLN A 30 -7.47 -2.04 -9.55
N GLY A 31 -8.35 -2.86 -8.99
CA GLY A 31 -9.33 -3.57 -9.79
C GLY A 31 -10.30 -4.37 -8.95
N GLY A 32 -11.43 -4.74 -9.54
CA GLY A 32 -12.43 -5.52 -8.82
C GLY A 32 -13.03 -6.61 -9.67
N ALA A 33 -13.21 -7.80 -9.08
CA ALA A 33 -13.79 -8.92 -9.79
C ALA A 33 -15.27 -9.09 -9.45
N ARG A 34 -15.62 -8.80 -8.21
CA ARG A 34 -17.00 -8.92 -7.76
C ARG A 34 -17.94 -8.16 -8.70
N GLN A 35 -17.48 -7.01 -9.18
CA GLN A 35 -18.28 -6.19 -10.08
C GLN A 35 -18.72 -6.99 -11.31
N ARG A 36 -17.75 -7.36 -12.13
CA ARG A 36 -18.04 -8.14 -13.34
C ARG A 36 -18.91 -7.33 -14.30
N GLY A 37 -18.63 -6.04 -14.40
CA GLY A 37 -19.40 -5.18 -15.27
C GLY A 37 -20.63 -4.59 -14.60
N LEU A 38 -21.53 -4.03 -15.40
CA LEU A 38 -22.75 -3.43 -14.86
C LEU A 38 -23.97 -3.97 -15.59
N GLY A 39 -23.93 -5.26 -15.96
CA GLY A 39 -25.05 -5.88 -16.64
C GLY A 39 -24.60 -6.69 -17.85
N SER A 1 -5.69 9.27 2.76
CA SER A 1 -5.27 10.59 3.24
C SER A 1 -5.71 10.79 4.69
N GLN A 2 -4.74 10.95 5.59
CA GLN A 2 -5.02 11.16 7.00
C GLN A 2 -4.36 12.44 7.50
N ALA A 3 -4.52 12.70 8.80
CA ALA A 3 -3.95 13.90 9.40
C ALA A 3 -2.45 13.74 9.62
N GLU A 4 -1.66 14.19 8.63
CA GLU A 4 -0.21 14.09 8.71
C GLU A 4 0.45 15.20 7.91
N ALA A 5 1.50 15.80 8.47
CA ALA A 5 2.22 16.88 7.82
C ALA A 5 3.49 16.37 7.15
N THR A 6 4.24 15.55 7.88
CA THR A 6 5.49 14.99 7.36
C THR A 6 5.22 14.02 6.21
N ARG A 7 6.04 14.11 5.17
CA ARG A 7 5.88 13.24 4.00
C ARG A 7 7.15 12.43 3.77
N GLN A 8 8.30 13.06 3.92
CA GLN A 8 9.58 12.40 3.72
C GLN A 8 9.66 11.11 4.55
N ALA A 9 9.36 11.22 5.83
CA ALA A 9 9.39 10.07 6.72
C ALA A 9 8.43 8.98 6.25
N ALA A 10 7.27 9.40 5.76
CA ALA A 10 6.26 8.47 5.27
C ALA A 10 6.68 7.86 3.94
N ALA A 11 6.79 6.53 3.91
CA ALA A 11 7.18 5.82 2.70
C ALA A 11 6.77 4.35 2.77
N GLN A 12 6.93 3.64 1.65
CA GLN A 12 6.58 2.23 1.59
C GLN A 12 7.70 1.43 0.94
N GLU A 13 8.24 1.94 -0.16
CA GLU A 13 9.31 1.26 -0.87
C GLU A 13 10.48 0.96 0.05
N GLU A 14 10.74 1.89 0.97
CA GLU A 14 11.84 1.72 1.93
C GLU A 14 11.59 0.52 2.83
N ARG A 15 10.33 0.29 3.19
CA ARG A 15 9.96 -0.82 4.06
C ARG A 15 8.98 -1.75 3.35
N LEU A 16 9.51 -2.81 2.73
CA LEU A 16 8.69 -3.78 2.02
C LEU A 16 7.56 -4.29 2.92
N ALA A 17 7.85 -4.44 4.20
CA ALA A 17 6.86 -4.92 5.15
C ALA A 17 5.57 -4.09 5.06
N ASP A 18 5.72 -2.80 4.83
CA ASP A 18 4.58 -1.90 4.72
C ASP A 18 3.93 -2.01 3.34
N LEU A 19 4.77 -2.09 2.31
CA LEU A 19 4.28 -2.20 0.94
C LEU A 19 3.40 -3.44 0.76
N ALA A 20 3.86 -4.55 1.33
CA ALA A 20 3.12 -5.81 1.24
C ALA A 20 1.74 -5.67 1.85
N SER A 21 1.64 -4.89 2.93
CA SER A 21 0.37 -4.69 3.62
C SER A 21 -0.52 -3.73 2.84
N ASP A 22 0.07 -2.65 2.34
CA ASP A 22 -0.66 -1.65 1.58
C ASP A 22 -1.16 -2.24 0.26
N LEU A 23 -0.35 -3.12 -0.32
CA LEU A 23 -0.70 -3.76 -1.59
C LEU A 23 -2.10 -4.35 -1.53
N LEU A 24 -2.47 -4.87 -0.38
CA LEU A 24 -3.78 -5.47 -0.19
C LEU A 24 -4.87 -4.41 -0.19
N LEU A 25 -4.56 -3.24 0.37
CA LEU A 25 -5.51 -2.14 0.43
C LEU A 25 -5.64 -1.46 -0.94
N GLN A 26 -4.52 -1.32 -1.64
CA GLN A 26 -4.51 -0.69 -2.95
C GLN A 26 -5.13 -1.61 -4.00
N TYR A 27 -4.88 -2.91 -3.84
CA TYR A 27 -5.41 -3.90 -4.78
C TYR A 27 -6.92 -3.72 -4.97
N LEU A 28 -7.61 -3.35 -3.90
CA LEU A 28 -9.05 -3.14 -3.95
C LEU A 28 -9.41 -2.11 -5.02
N LEU A 29 -8.61 -1.05 -5.10
CA LEU A 29 -8.85 0.01 -6.08
C LEU A 29 -8.23 -0.35 -7.43
N GLN A 30 -7.07 -1.01 -7.39
CA GLN A 30 -6.37 -1.40 -8.60
C GLN A 30 -7.27 -2.26 -9.50
N GLY A 31 -8.04 -3.15 -8.87
CA GLY A 31 -8.92 -4.01 -9.63
C GLY A 31 -9.17 -5.34 -8.94
N GLY A 32 -9.86 -5.29 -7.80
CA GLY A 32 -10.15 -6.51 -7.06
C GLY A 32 -11.55 -6.51 -6.47
N ALA A 33 -12.53 -6.14 -7.29
CA ALA A 33 -13.92 -6.10 -6.85
C ALA A 33 -14.59 -7.46 -7.04
N ARG A 34 -14.23 -8.15 -8.11
CA ARG A 34 -14.80 -9.46 -8.41
C ARG A 34 -14.20 -10.53 -7.49
N GLN A 35 -12.92 -10.39 -7.18
CA GLN A 35 -12.22 -11.33 -6.32
C GLN A 35 -12.67 -11.17 -4.88
N ARG A 36 -12.10 -11.99 -4.00
CA ARG A 36 -12.43 -11.94 -2.57
C ARG A 36 -11.19 -12.13 -1.71
N GLY A 37 -10.42 -13.17 -2.03
CA GLY A 37 -9.21 -13.45 -1.27
C GLY A 37 -9.49 -14.16 0.03
N LEU A 38 -8.71 -15.19 0.34
CA LEU A 38 -8.89 -15.95 1.57
C LEU A 38 -8.10 -15.33 2.71
N GLY A 39 -8.57 -14.18 3.17
CA GLY A 39 -7.92 -13.48 4.28
C GLY A 39 -8.26 -14.08 5.62
N SER A 1 28.56 12.33 12.32
CA SER A 1 27.56 13.38 12.58
C SER A 1 26.28 13.07 11.82
N GLN A 2 25.14 13.22 12.51
CA GLN A 2 23.84 12.96 11.91
C GLN A 2 23.62 13.86 10.70
N ALA A 3 22.96 13.30 9.68
CA ALA A 3 22.69 14.06 8.46
C ALA A 3 21.28 14.63 8.48
N GLU A 4 20.30 13.78 8.75
CA GLU A 4 18.90 14.20 8.80
C GLU A 4 18.15 13.49 9.92
N ALA A 5 16.87 13.81 10.07
CA ALA A 5 16.05 13.20 11.10
C ALA A 5 15.95 11.69 10.92
N THR A 6 15.32 11.27 9.83
CA THR A 6 15.16 9.85 9.54
C THR A 6 14.91 9.62 8.05
N ARG A 7 15.26 8.43 7.57
CA ARG A 7 15.07 8.08 6.18
C ARG A 7 14.27 6.78 6.04
N GLN A 8 14.57 5.82 6.91
CA GLN A 8 13.89 4.54 6.89
C GLN A 8 12.38 4.70 7.11
N ALA A 9 12.03 5.38 8.19
CA ALA A 9 10.63 5.62 8.51
C ALA A 9 9.99 6.60 7.53
N ALA A 10 10.76 7.61 7.14
CA ALA A 10 10.28 8.63 6.20
C ALA A 10 9.79 7.98 4.91
N ALA A 11 10.70 7.34 4.19
CA ALA A 11 10.36 6.67 2.94
C ALA A 11 9.68 5.34 3.19
N GLN A 12 8.41 5.38 3.57
CA GLN A 12 7.65 4.17 3.84
C GLN A 12 7.75 3.19 2.68
N GLU A 13 7.82 3.73 1.47
CA GLU A 13 7.91 2.91 0.27
C GLU A 13 9.05 1.91 0.39
N GLU A 14 10.15 2.34 1.00
CA GLU A 14 11.32 1.47 1.17
C GLU A 14 10.97 0.26 2.03
N ARG A 15 10.15 0.48 3.05
CA ARG A 15 9.74 -0.59 3.94
C ARG A 15 8.86 -1.60 3.22
N LEU A 16 9.50 -2.62 2.65
CA LEU A 16 8.78 -3.66 1.92
C LEU A 16 7.65 -4.24 2.77
N ALA A 17 7.94 -4.47 4.04
CA ALA A 17 6.96 -5.02 4.97
C ALA A 17 5.68 -4.20 4.95
N ASP A 18 5.82 -2.89 4.79
CA ASP A 18 4.66 -1.99 4.76
C ASP A 18 3.94 -2.07 3.41
N LEU A 19 4.73 -2.19 2.34
CA LEU A 19 4.17 -2.28 0.99
C LEU A 19 3.33 -3.54 0.83
N ALA A 20 3.85 -4.66 1.32
CA ALA A 20 3.14 -5.94 1.24
C ALA A 20 1.73 -5.82 1.82
N SER A 21 1.60 -5.02 2.87
CA SER A 21 0.31 -4.83 3.52
C SER A 21 -0.56 -3.85 2.72
N ASP A 22 -0.01 -2.68 2.43
CA ASP A 22 -0.73 -1.66 1.67
C ASP A 22 -1.23 -2.22 0.35
N LEU A 23 -0.45 -3.11 -0.25
CA LEU A 23 -0.81 -3.73 -1.52
C LEU A 23 -2.22 -4.31 -1.46
N LEU A 24 -2.60 -4.84 -0.30
CA LEU A 24 -3.92 -5.41 -0.11
C LEU A 24 -5.00 -4.33 -0.12
N LEU A 25 -4.66 -3.17 0.44
CA LEU A 25 -5.59 -2.05 0.51
C LEU A 25 -5.71 -1.37 -0.85
N GLN A 26 -4.58 -1.23 -1.54
CA GLN A 26 -4.55 -0.58 -2.85
C GLN A 26 -5.13 -1.51 -3.92
N TYR A 27 -4.88 -2.81 -3.77
CA TYR A 27 -5.37 -3.79 -4.73
C TYR A 27 -6.88 -3.64 -4.94
N LEU A 28 -7.59 -3.30 -3.87
CA LEU A 28 -9.03 -3.13 -3.94
C LEU A 28 -9.41 -2.17 -5.07
N LEU A 29 -8.59 -1.15 -5.27
CA LEU A 29 -8.83 -0.16 -6.32
C LEU A 29 -8.15 -0.58 -7.63
N GLN A 30 -6.98 -1.18 -7.51
CA GLN A 30 -6.23 -1.63 -8.68
C GLN A 30 -7.10 -2.50 -9.58
N GLY A 31 -7.92 -3.34 -8.97
CA GLY A 31 -8.79 -4.21 -9.74
C GLY A 31 -9.81 -3.43 -10.55
N GLY A 32 -11.05 -3.38 -10.06
CA GLY A 32 -12.10 -2.67 -10.76
C GLY A 32 -13.39 -2.61 -9.97
N ALA A 33 -13.51 -1.60 -9.12
CA ALA A 33 -14.71 -1.43 -8.30
C ALA A 33 -15.82 -0.74 -9.08
N ARG A 34 -15.43 0.22 -9.92
CA ARG A 34 -16.40 0.96 -10.72
C ARG A 34 -17.27 0.01 -11.54
N GLN A 35 -16.66 -1.06 -12.03
CA GLN A 35 -17.39 -2.05 -12.83
C GLN A 35 -18.64 -2.53 -12.11
N ARG A 36 -19.49 -3.25 -12.83
CA ARG A 36 -20.73 -3.76 -12.26
C ARG A 36 -20.45 -4.56 -10.99
N GLY A 37 -19.43 -5.42 -11.04
CA GLY A 37 -19.09 -6.23 -9.89
C GLY A 37 -18.96 -7.70 -10.23
N LEU A 38 -17.82 -8.29 -9.88
CA LEU A 38 -17.58 -9.71 -10.15
C LEU A 38 -18.43 -10.59 -9.23
N GLY A 39 -19.39 -11.29 -9.83
CA GLY A 39 -20.25 -12.17 -9.06
C GLY A 39 -21.66 -11.63 -8.95
N SER A 1 25.42 -5.58 10.97
CA SER A 1 24.30 -4.82 10.41
C SER A 1 24.01 -3.58 11.26
N GLN A 2 23.46 -2.55 10.62
CA GLN A 2 23.13 -1.31 11.30
C GLN A 2 21.63 -1.14 11.43
N ALA A 3 21.10 -1.42 12.62
CA ALA A 3 19.67 -1.30 12.87
C ALA A 3 19.35 0.00 13.60
N GLU A 4 18.14 0.51 13.39
CA GLU A 4 17.72 1.76 14.02
C GLU A 4 18.72 2.88 13.75
N ALA A 5 19.02 3.10 12.48
CA ALA A 5 19.96 4.14 12.09
C ALA A 5 19.24 5.40 11.66
N THR A 6 18.15 5.22 10.90
CA THR A 6 17.36 6.35 10.41
C THR A 6 15.87 6.11 10.63
N ARG A 7 15.14 7.19 10.90
CA ARG A 7 13.70 7.09 11.12
C ARG A 7 12.93 7.93 10.11
N GLN A 8 13.50 9.08 9.75
CA GLN A 8 12.88 9.98 8.79
C GLN A 8 13.32 9.65 7.37
N ALA A 9 14.58 9.26 7.21
CA ALA A 9 15.13 8.91 5.91
C ALA A 9 14.32 7.79 5.26
N ALA A 10 14.04 6.75 6.04
CA ALA A 10 13.28 5.61 5.55
C ALA A 10 11.88 6.03 5.09
N ALA A 11 11.59 5.82 3.82
CA ALA A 11 10.30 6.19 3.27
C ALA A 11 9.32 5.02 3.36
N GLN A 12 8.11 5.22 2.85
CA GLN A 12 7.09 4.19 2.86
C GLN A 12 7.42 3.06 1.89
N GLU A 13 7.66 3.43 0.64
CA GLU A 13 8.00 2.45 -0.39
C GLU A 13 9.20 1.61 0.03
N GLU A 14 10.15 2.23 0.71
CA GLU A 14 11.35 1.53 1.17
C GLU A 14 10.98 0.39 2.11
N ARG A 15 9.95 0.61 2.93
CA ARG A 15 9.50 -0.39 3.88
C ARG A 15 8.71 -1.49 3.18
N LEU A 16 9.42 -2.53 2.75
CA LEU A 16 8.78 -3.66 2.06
C LEU A 16 7.61 -4.20 2.87
N ALA A 17 7.84 -4.42 4.16
CA ALA A 17 6.81 -4.93 5.05
C ALA A 17 5.53 -4.11 4.95
N ASP A 18 5.69 -2.80 4.81
CA ASP A 18 4.54 -1.90 4.69
C ASP A 18 3.90 -2.02 3.32
N LEU A 19 4.72 -2.20 2.29
CA LEU A 19 4.23 -2.33 0.93
C LEU A 19 3.36 -3.58 0.77
N ALA A 20 3.87 -4.70 1.25
CA ALA A 20 3.16 -5.97 1.18
C ALA A 20 1.76 -5.84 1.77
N SER A 21 1.64 -5.04 2.83
CA SER A 21 0.36 -4.84 3.48
C SER A 21 -0.51 -3.86 2.70
N ASP A 22 0.05 -2.70 2.38
CA ASP A 22 -0.68 -1.68 1.64
C ASP A 22 -1.19 -2.24 0.32
N LEU A 23 -0.42 -3.14 -0.29
CA LEU A 23 -0.78 -3.75 -1.56
C LEU A 23 -2.20 -4.32 -1.49
N LEU A 24 -2.56 -4.86 -0.32
CA LEU A 24 -3.89 -5.43 -0.13
C LEU A 24 -4.96 -4.35 -0.11
N LEU A 25 -4.62 -3.19 0.43
CA LEU A 25 -5.55 -2.07 0.50
C LEU A 25 -5.68 -1.38 -0.86
N GLN A 26 -4.55 -1.24 -1.55
CA GLN A 26 -4.54 -0.60 -2.86
C GLN A 26 -5.12 -1.52 -3.92
N TYR A 27 -4.87 -2.83 -3.78
CA TYR A 27 -5.37 -3.81 -4.72
C TYR A 27 -6.87 -3.66 -4.93
N LEU A 28 -7.57 -3.32 -3.85
CA LEU A 28 -9.02 -3.13 -3.91
C LEU A 28 -9.41 -2.15 -5.01
N LEU A 29 -8.58 -1.13 -5.20
CA LEU A 29 -8.82 -0.12 -6.23
C LEU A 29 -8.17 -0.51 -7.55
N GLN A 30 -6.99 -1.13 -7.46
CA GLN A 30 -6.26 -1.56 -8.64
C GLN A 30 -7.14 -2.38 -9.56
N GLY A 31 -7.98 -3.24 -8.97
CA GLY A 31 -8.86 -4.08 -9.74
C GLY A 31 -9.27 -5.34 -9.01
N GLY A 32 -10.21 -6.08 -9.57
CA GLY A 32 -10.67 -7.30 -8.96
C GLY A 32 -12.17 -7.47 -9.02
N ALA A 33 -12.66 -7.93 -10.17
CA ALA A 33 -14.09 -8.13 -10.37
C ALA A 33 -14.50 -9.55 -10.02
N ARG A 34 -13.82 -10.53 -10.63
CA ARG A 34 -14.11 -11.93 -10.38
C ARG A 34 -13.12 -12.53 -9.39
N GLN A 35 -11.89 -12.05 -9.45
CA GLN A 35 -10.83 -12.54 -8.56
C GLN A 35 -11.20 -12.31 -7.10
N ARG A 36 -11.87 -11.19 -6.84
CA ARG A 36 -12.29 -10.85 -5.48
C ARG A 36 -13.81 -10.73 -5.39
N GLY A 37 -14.48 -11.87 -5.27
CA GLY A 37 -15.93 -11.86 -5.17
C GLY A 37 -16.41 -11.66 -3.75
N LEU A 38 -16.86 -10.45 -3.45
CA LEU A 38 -17.36 -10.12 -2.12
C LEU A 38 -18.63 -10.89 -1.80
N GLY A 39 -19.68 -10.63 -2.57
CA GLY A 39 -20.95 -11.31 -2.36
C GLY A 39 -22.00 -10.94 -3.39
N SER A 1 -9.94 10.21 -5.15
CA SER A 1 -9.79 9.84 -3.75
C SER A 1 -8.85 10.81 -3.03
N GLN A 2 -9.25 11.24 -1.84
CA GLN A 2 -8.45 12.16 -1.05
C GLN A 2 -7.60 11.41 -0.02
N ALA A 3 -6.32 11.23 -0.34
CA ALA A 3 -5.40 10.54 0.56
C ALA A 3 -4.31 11.46 1.06
N GLU A 4 -3.48 10.96 1.97
CA GLU A 4 -2.39 11.76 2.54
C GLU A 4 -1.05 11.28 1.99
N ALA A 5 -0.14 12.24 1.77
CA ALA A 5 1.18 11.92 1.26
C ALA A 5 1.92 10.97 2.19
N THR A 6 2.27 11.46 3.38
CA THR A 6 2.98 10.65 4.36
C THR A 6 4.20 9.97 3.74
N ARG A 7 4.85 10.67 2.82
CA ARG A 7 6.03 10.14 2.15
C ARG A 7 7.21 10.07 3.10
N GLN A 8 7.42 11.13 3.86
CA GLN A 8 8.51 11.19 4.82
C GLN A 8 8.09 10.64 6.18
N ALA A 9 6.87 10.97 6.59
CA ALA A 9 6.34 10.51 7.86
C ALA A 9 6.24 8.99 7.89
N ALA A 10 5.52 8.42 6.92
CA ALA A 10 5.35 6.98 6.84
C ALA A 10 6.21 6.38 5.74
N ALA A 11 6.66 5.14 5.94
CA ALA A 11 7.49 4.47 4.96
C ALA A 11 6.72 3.37 4.25
N GLN A 12 6.84 3.32 2.92
CA GLN A 12 6.15 2.32 2.13
C GLN A 12 7.11 1.66 1.13
N GLU A 13 7.96 2.47 0.50
CA GLU A 13 8.91 1.97 -0.47
C GLU A 13 10.06 1.22 0.23
N GLU A 14 10.88 1.97 0.96
CA GLU A 14 12.01 1.38 1.67
C GLU A 14 11.55 0.23 2.57
N ARG A 15 10.37 0.40 3.17
CA ARG A 15 9.83 -0.62 4.06
C ARG A 15 8.94 -1.60 3.28
N LEU A 16 9.54 -2.72 2.89
CA LEU A 16 8.80 -3.74 2.13
C LEU A 16 7.62 -4.27 2.94
N ALA A 17 7.83 -4.45 4.24
CA ALA A 17 6.78 -4.94 5.12
C ALA A 17 5.51 -4.10 4.99
N ASP A 18 5.70 -2.79 4.81
CA ASP A 18 4.57 -1.87 4.68
C ASP A 18 3.92 -2.01 3.31
N LEU A 19 4.74 -2.15 2.28
CA LEU A 19 4.23 -2.29 0.91
C LEU A 19 3.38 -3.55 0.79
N ALA A 20 3.89 -4.66 1.29
CA ALA A 20 3.16 -5.93 1.22
C ALA A 20 1.76 -5.79 1.81
N SER A 21 1.65 -4.98 2.85
CA SER A 21 0.36 -4.76 3.50
C SER A 21 -0.51 -3.80 2.69
N ASP A 22 0.05 -2.64 2.37
CA ASP A 22 -0.68 -1.64 1.59
C ASP A 22 -1.19 -2.23 0.28
N LEU A 23 -0.41 -3.13 -0.30
CA LEU A 23 -0.77 -3.76 -1.56
C LEU A 23 -2.19 -4.34 -1.49
N LEU A 24 -2.55 -4.85 -0.31
CA LEU A 24 -3.88 -5.42 -0.11
C LEU A 24 -4.95 -4.33 -0.13
N LEU A 25 -4.62 -3.16 0.41
CA LEU A 25 -5.54 -2.05 0.45
C LEU A 25 -5.66 -1.39 -0.91
N GLN A 26 -4.54 -1.25 -1.60
CA GLN A 26 -4.53 -0.64 -2.93
C GLN A 26 -5.10 -1.58 -3.97
N TYR A 27 -4.84 -2.87 -3.81
CA TYR A 27 -5.34 -3.88 -4.75
C TYR A 27 -6.84 -3.73 -4.95
N LEU A 28 -7.55 -3.39 -3.88
CA LEU A 28 -9.00 -3.22 -3.95
C LEU A 28 -9.38 -2.18 -5.00
N LEU A 29 -8.57 -1.13 -5.11
CA LEU A 29 -8.82 -0.07 -6.08
C LEU A 29 -8.20 -0.42 -7.43
N GLN A 30 -7.03 -1.04 -7.40
CA GLN A 30 -6.33 -1.42 -8.62
C GLN A 30 -7.25 -2.23 -9.54
N GLY A 31 -8.11 -3.05 -8.94
CA GLY A 31 -9.03 -3.86 -9.71
C GLY A 31 -10.46 -3.74 -9.23
N GLY A 32 -11.16 -2.72 -9.69
CA GLY A 32 -12.54 -2.52 -9.29
C GLY A 32 -13.01 -1.09 -9.50
N ALA A 33 -13.04 -0.66 -10.76
CA ALA A 33 -13.47 0.68 -11.09
C ALA A 33 -14.97 0.73 -11.39
N ARG A 34 -15.45 -0.28 -12.11
CA ARG A 34 -16.86 -0.36 -12.47
C ARG A 34 -17.74 -0.21 -11.24
N GLN A 35 -17.42 -0.95 -10.18
CA GLN A 35 -18.19 -0.90 -8.95
C GLN A 35 -18.09 0.48 -8.31
N ARG A 36 -19.04 0.78 -7.42
CA ARG A 36 -19.06 2.07 -6.74
C ARG A 36 -17.78 2.29 -5.94
N GLY A 37 -17.07 3.37 -6.25
CA GLY A 37 -15.83 3.67 -5.56
C GLY A 37 -15.97 4.86 -4.62
N LEU A 38 -17.13 4.98 -3.99
CA LEU A 38 -17.39 6.08 -3.07
C LEU A 38 -17.22 7.43 -3.76
N GLY A 39 -17.62 7.48 -5.03
CA GLY A 39 -17.52 8.71 -5.79
C GLY A 39 -16.31 8.72 -6.71
N SER A 1 22.45 5.39 14.46
CA SER A 1 21.37 5.59 13.51
C SER A 1 20.08 4.94 14.00
N GLN A 2 19.23 5.73 14.64
CA GLN A 2 17.97 5.23 15.16
C GLN A 2 16.89 5.24 14.09
N ALA A 3 16.48 4.05 13.65
CA ALA A 3 15.46 3.94 12.62
C ALA A 3 14.09 3.68 13.23
N GLU A 4 13.46 4.73 13.75
CA GLU A 4 12.16 4.62 14.37
C GLU A 4 11.19 5.67 13.81
N ALA A 5 11.68 6.89 13.70
CA ALA A 5 10.87 7.99 13.18
C ALA A 5 10.70 7.88 11.66
N THR A 6 11.76 7.48 10.98
CA THR A 6 11.73 7.33 9.53
C THR A 6 11.16 8.58 8.87
N ARG A 7 11.55 9.74 9.36
CA ARG A 7 11.07 11.01 8.82
C ARG A 7 11.91 11.44 7.62
N GLN A 8 13.21 11.19 7.70
CA GLN A 8 14.12 11.55 6.62
C GLN A 8 13.70 10.90 5.31
N ALA A 9 13.28 9.64 5.39
CA ALA A 9 12.84 8.91 4.21
C ALA A 9 11.33 8.98 4.03
N ALA A 10 10.60 8.40 5.00
CA ALA A 10 9.14 8.40 4.95
C ALA A 10 8.64 7.85 3.63
N ALA A 11 9.32 6.84 3.11
CA ALA A 11 8.93 6.21 1.84
C ALA A 11 8.31 4.83 2.08
N GLN A 12 7.30 4.51 1.29
CA GLN A 12 6.63 3.22 1.41
C GLN A 12 7.48 2.10 0.82
N GLU A 13 8.02 2.33 -0.36
CA GLU A 13 8.87 1.35 -1.03
C GLU A 13 10.00 0.90 -0.12
N GLU A 14 10.58 1.86 0.61
CA GLU A 14 11.68 1.57 1.52
C GLU A 14 11.30 0.46 2.50
N ARG A 15 10.07 0.51 3.00
CA ARG A 15 9.59 -0.49 3.95
C ARG A 15 8.78 -1.56 3.23
N LEU A 16 9.44 -2.66 2.89
CA LEU A 16 8.78 -3.76 2.19
C LEU A 16 7.59 -4.27 3.00
N ALA A 17 7.79 -4.47 4.29
CA ALA A 17 6.73 -4.95 5.17
C ALA A 17 5.47 -4.09 5.03
N ASP A 18 5.67 -2.79 4.82
CA ASP A 18 4.55 -1.86 4.67
C ASP A 18 3.91 -2.01 3.30
N LEU A 19 4.75 -2.15 2.28
CA LEU A 19 4.26 -2.29 0.91
C LEU A 19 3.39 -3.55 0.77
N ALA A 20 3.90 -4.67 1.28
CA ALA A 20 3.18 -5.93 1.21
C ALA A 20 1.78 -5.79 1.79
N SER A 21 1.66 -4.98 2.84
CA SER A 21 0.38 -4.77 3.49
C SER A 21 -0.50 -3.80 2.68
N ASP A 22 0.06 -2.65 2.35
CA ASP A 22 -0.65 -1.64 1.58
C ASP A 22 -1.16 -2.22 0.28
N LEU A 23 -0.38 -3.12 -0.31
CA LEU A 23 -0.75 -3.75 -1.57
C LEU A 23 -2.16 -4.32 -1.50
N LEU A 24 -2.53 -4.84 -0.33
CA LEU A 24 -3.86 -5.40 -0.13
C LEU A 24 -4.93 -4.32 -0.15
N LEU A 25 -4.59 -3.15 0.39
CA LEU A 25 -5.52 -2.04 0.44
C LEU A 25 -5.65 -1.37 -0.93
N GLN A 26 -4.51 -1.24 -1.61
CA GLN A 26 -4.49 -0.62 -2.93
C GLN A 26 -5.07 -1.56 -3.99
N TYR A 27 -4.82 -2.85 -3.82
CA TYR A 27 -5.31 -3.85 -4.76
C TYR A 27 -6.83 -3.70 -4.97
N LEU A 28 -7.54 -3.42 -3.88
CA LEU A 28 -8.99 -3.26 -3.95
C LEU A 28 -9.37 -2.19 -4.97
N LEU A 29 -8.56 -1.13 -5.04
CA LEU A 29 -8.81 -0.04 -5.98
C LEU A 29 -8.25 -0.37 -7.36
N GLN A 30 -7.11 -1.05 -7.37
CA GLN A 30 -6.47 -1.42 -8.64
C GLN A 30 -7.43 -2.19 -9.53
N GLY A 31 -8.27 -3.01 -8.91
CA GLY A 31 -9.24 -3.79 -9.67
C GLY A 31 -8.94 -5.27 -9.65
N GLY A 32 -8.96 -5.90 -10.83
CA GLY A 32 -8.68 -7.32 -10.91
C GLY A 32 -9.28 -7.96 -12.15
N ALA A 33 -8.98 -9.23 -12.37
CA ALA A 33 -9.50 -9.95 -13.53
C ALA A 33 -10.70 -10.81 -13.15
N ARG A 34 -10.57 -11.54 -12.05
CA ARG A 34 -11.65 -12.42 -11.58
C ARG A 34 -12.88 -11.60 -11.22
N GLN A 35 -12.75 -10.72 -10.22
CA GLN A 35 -13.85 -9.88 -9.79
C GLN A 35 -14.46 -9.13 -10.97
N ARG A 36 -13.61 -8.43 -11.71
CA ARG A 36 -14.07 -7.66 -12.87
C ARG A 36 -14.85 -8.55 -13.84
N GLY A 37 -15.85 -7.96 -14.49
CA GLY A 37 -16.65 -8.71 -15.43
C GLY A 37 -17.17 -7.84 -16.57
N LEU A 38 -17.51 -8.48 -17.69
CA LEU A 38 -18.02 -7.76 -18.85
C LEU A 38 -19.42 -8.23 -19.22
N GLY A 39 -19.66 -9.53 -19.06
CA GLY A 39 -20.95 -10.09 -19.38
C GLY A 39 -21.45 -11.07 -18.33
N SER A 1 25.77 8.52 21.70
CA SER A 1 24.52 8.11 22.32
C SER A 1 23.37 9.03 21.89
N GLN A 2 22.38 8.44 21.23
CA GLN A 2 21.23 9.20 20.76
C GLN A 2 19.93 8.44 21.03
N ALA A 3 18.80 9.13 20.88
CA ALA A 3 17.50 8.52 21.11
C ALA A 3 16.41 9.27 20.34
N GLU A 4 15.21 8.69 20.30
CA GLU A 4 14.09 9.29 19.61
C GLU A 4 14.43 9.55 18.13
N ALA A 5 15.20 8.64 17.54
CA ALA A 5 15.60 8.77 16.15
C ALA A 5 14.42 8.51 15.22
N THR A 6 13.85 7.31 15.31
CA THR A 6 12.72 6.93 14.48
C THR A 6 13.00 7.23 13.01
N ARG A 7 14.22 6.96 12.58
CA ARG A 7 14.62 7.21 11.19
C ARG A 7 14.59 5.91 10.39
N GLN A 8 15.01 4.82 11.02
CA GLN A 8 15.03 3.52 10.36
C GLN A 8 13.67 2.83 10.44
N ALA A 9 13.02 2.98 11.59
CA ALA A 9 11.70 2.38 11.79
C ALA A 9 10.65 3.06 10.94
N ALA A 10 10.66 4.39 10.94
CA ALA A 10 9.70 5.15 10.16
C ALA A 10 10.06 5.14 8.67
N ALA A 11 9.62 4.10 7.97
CA ALA A 11 9.91 3.97 6.55
C ALA A 11 8.63 3.62 5.77
N GLN A 12 8.52 4.16 4.56
CA GLN A 12 7.36 3.91 3.72
C GLN A 12 7.68 2.85 2.65
N GLU A 13 8.45 3.25 1.64
CA GLU A 13 8.82 2.34 0.57
C GLU A 13 10.01 1.47 0.98
N GLU A 14 10.94 2.07 1.71
CA GLU A 14 12.13 1.34 2.16
C GLU A 14 11.73 0.06 2.88
N ARG A 15 10.65 0.12 3.63
CA ARG A 15 10.16 -1.04 4.37
C ARG A 15 9.17 -1.85 3.54
N LEU A 16 9.66 -2.85 2.84
CA LEU A 16 8.81 -3.69 2.00
C LEU A 16 7.63 -4.24 2.80
N ALA A 17 7.87 -4.54 4.07
CA ALA A 17 6.83 -5.06 4.94
C ALA A 17 5.59 -4.17 4.92
N ASP A 18 5.82 -2.87 4.81
CA ASP A 18 4.72 -1.90 4.77
C ASP A 18 4.01 -1.95 3.44
N LEU A 19 4.76 -2.17 2.37
CA LEU A 19 4.19 -2.24 1.02
C LEU A 19 3.33 -3.49 0.86
N ALA A 20 3.86 -4.62 1.34
CA ALA A 20 3.14 -5.89 1.24
C ALA A 20 1.74 -5.77 1.83
N SER A 21 1.60 -4.98 2.89
CA SER A 21 0.32 -4.78 3.54
C SER A 21 -0.56 -3.82 2.75
N ASP A 22 0.00 -2.66 2.42
CA ASP A 22 -0.72 -1.65 1.66
C ASP A 22 -1.23 -2.22 0.34
N LEU A 23 -0.44 -3.11 -0.26
CA LEU A 23 -0.81 -3.73 -1.52
C LEU A 23 -2.21 -4.31 -1.46
N LEU A 24 -2.57 -4.83 -0.30
CA LEU A 24 -3.90 -5.42 -0.11
C LEU A 24 -4.98 -4.35 -0.12
N LEU A 25 -4.65 -3.18 0.43
CA LEU A 25 -5.59 -2.07 0.48
C LEU A 25 -5.71 -1.39 -0.88
N GLN A 26 -4.58 -1.25 -1.56
CA GLN A 26 -4.55 -0.61 -2.87
C GLN A 26 -5.13 -1.55 -3.94
N TYR A 27 -4.86 -2.84 -3.78
CA TYR A 27 -5.36 -3.83 -4.74
C TYR A 27 -6.86 -3.69 -4.95
N LEU A 28 -7.58 -3.34 -3.89
CA LEU A 28 -9.02 -3.16 -3.97
C LEU A 28 -9.39 -2.22 -5.10
N LEU A 29 -8.56 -1.20 -5.32
CA LEU A 29 -8.81 -0.24 -6.39
C LEU A 29 -8.12 -0.65 -7.68
N GLN A 30 -6.94 -1.26 -7.55
CA GLN A 30 -6.19 -1.72 -8.71
C GLN A 30 -7.05 -2.60 -9.61
N GLY A 31 -7.87 -3.44 -8.99
CA GLY A 31 -8.74 -4.32 -9.76
C GLY A 31 -9.62 -3.57 -10.73
N GLY A 32 -10.39 -4.31 -11.52
CA GLY A 32 -11.28 -3.68 -12.48
C GLY A 32 -10.76 -3.78 -13.90
N ALA A 33 -11.43 -4.57 -14.73
CA ALA A 33 -11.02 -4.75 -16.12
C ALA A 33 -11.76 -3.78 -17.04
N ARG A 34 -13.07 -3.94 -17.14
CA ARG A 34 -13.89 -3.08 -17.98
C ARG A 34 -14.36 -1.85 -17.21
N GLN A 35 -15.01 -2.08 -16.07
CA GLN A 35 -15.50 -0.99 -15.24
C GLN A 35 -14.85 -1.00 -13.86
N ARG A 36 -15.26 -1.96 -13.03
CA ARG A 36 -14.71 -2.09 -11.68
C ARG A 36 -14.45 -3.54 -11.34
N GLY A 37 -13.87 -3.78 -10.16
CA GLY A 37 -13.59 -5.13 -9.73
C GLY A 37 -14.79 -5.82 -9.10
N LEU A 38 -14.63 -7.08 -8.77
CA LEU A 38 -15.71 -7.86 -8.16
C LEU A 38 -15.34 -8.30 -6.75
N GLY A 39 -15.23 -7.34 -5.84
CA GLY A 39 -14.88 -7.66 -4.46
C GLY A 39 -16.10 -7.98 -3.61
N SER A 1 -5.45 16.52 10.71
CA SER A 1 -4.95 15.16 10.86
C SER A 1 -5.09 14.69 12.30
N GLN A 2 -5.69 13.51 12.47
CA GLN A 2 -5.89 12.94 13.80
C GLN A 2 -5.25 11.56 13.90
N ALA A 3 -5.71 10.63 13.08
CA ALA A 3 -5.17 9.27 13.08
C ALA A 3 -3.84 9.21 12.34
N GLU A 4 -3.90 9.27 11.01
CA GLU A 4 -2.71 9.23 10.18
C GLU A 4 -1.76 10.37 10.54
N ALA A 5 -0.65 10.02 11.18
CA ALA A 5 0.35 11.02 11.58
C ALA A 5 0.90 11.76 10.36
N THR A 6 1.38 11.00 9.38
CA THR A 6 1.93 11.58 8.17
C THR A 6 2.28 10.52 7.15
N ARG A 7 2.07 10.82 5.87
CA ARG A 7 2.36 9.88 4.80
C ARG A 7 3.34 10.48 3.80
N GLN A 8 3.21 11.79 3.55
CA GLN A 8 4.08 12.48 2.61
C GLN A 8 5.54 12.24 2.95
N ALA A 9 5.86 12.25 4.25
CA ALA A 9 7.22 12.02 4.71
C ALA A 9 7.59 10.55 4.68
N ALA A 10 6.79 9.73 5.37
CA ALA A 10 7.03 8.30 5.42
C ALA A 10 7.00 7.69 4.02
N ALA A 11 7.74 6.60 3.83
CA ALA A 11 7.81 5.93 2.55
C ALA A 11 7.34 4.47 2.68
N GLN A 12 7.10 3.83 1.53
CA GLN A 12 6.65 2.45 1.51
C GLN A 12 7.71 1.54 0.89
N GLU A 13 8.40 2.06 -0.12
CA GLU A 13 9.44 1.30 -0.80
C GLU A 13 10.53 0.88 0.18
N GLU A 14 10.86 1.77 1.11
CA GLU A 14 11.89 1.50 2.10
C GLU A 14 11.59 0.21 2.86
N ARG A 15 10.45 0.19 3.56
CA ARG A 15 10.05 -0.98 4.34
C ARG A 15 9.09 -1.85 3.53
N LEU A 16 9.63 -2.87 2.87
CA LEU A 16 8.83 -3.78 2.07
C LEU A 16 7.65 -4.32 2.87
N ALA A 17 7.89 -4.57 4.16
CA ALA A 17 6.84 -5.08 5.04
C ALA A 17 5.61 -4.19 5.01
N ASP A 18 5.82 -2.88 4.89
CA ASP A 18 4.72 -1.92 4.85
C ASP A 18 4.01 -1.98 3.50
N LEU A 19 4.79 -2.12 2.43
CA LEU A 19 4.23 -2.19 1.08
C LEU A 19 3.35 -3.41 0.91
N ALA A 20 3.85 -4.56 1.34
CA ALA A 20 3.10 -5.82 1.24
C ALA A 20 1.70 -5.66 1.84
N SER A 21 1.60 -4.88 2.91
CA SER A 21 0.33 -4.65 3.57
C SER A 21 -0.55 -3.70 2.77
N ASP A 22 0.05 -2.60 2.33
CA ASP A 22 -0.68 -1.59 1.55
C ASP A 22 -1.19 -2.20 0.25
N LEU A 23 -0.41 -3.11 -0.33
CA LEU A 23 -0.79 -3.75 -1.58
C LEU A 23 -2.20 -4.32 -1.50
N LEU A 24 -2.57 -4.82 -0.31
CA LEU A 24 -3.89 -5.38 -0.10
C LEU A 24 -4.96 -4.29 -0.14
N LEU A 25 -4.62 -3.12 0.38
CA LEU A 25 -5.55 -2.00 0.40
C LEU A 25 -5.66 -1.35 -0.98
N GLN A 26 -4.53 -1.24 -1.66
CA GLN A 26 -4.50 -0.64 -2.99
C GLN A 26 -5.09 -1.59 -4.04
N TYR A 27 -4.84 -2.88 -3.85
CA TYR A 27 -5.35 -3.89 -4.77
C TYR A 27 -6.85 -3.73 -4.99
N LEU A 28 -7.57 -3.44 -3.92
CA LEU A 28 -9.02 -3.27 -3.98
C LEU A 28 -9.39 -2.23 -5.05
N LEU A 29 -8.59 -1.18 -5.14
CA LEU A 29 -8.83 -0.11 -6.11
C LEU A 29 -8.25 -0.50 -7.47
N GLN A 30 -7.07 -1.11 -7.45
CA GLN A 30 -6.40 -1.51 -8.69
C GLN A 30 -7.34 -2.35 -9.55
N GLY A 31 -8.16 -3.16 -8.91
CA GLY A 31 -9.09 -4.01 -9.63
C GLY A 31 -8.46 -5.32 -10.08
N GLY A 32 -9.01 -5.91 -11.13
CA GLY A 32 -8.48 -7.17 -11.64
C GLY A 32 -8.92 -8.36 -10.79
N ALA A 33 -10.15 -8.31 -10.29
CA ALA A 33 -10.67 -9.39 -9.46
C ALA A 33 -11.28 -10.49 -10.32
N ARG A 34 -12.18 -10.09 -11.23
CA ARG A 34 -12.85 -11.05 -12.11
C ARG A 34 -12.18 -11.07 -13.48
N GLN A 35 -11.69 -9.91 -13.91
CA GLN A 35 -11.04 -9.80 -15.21
C GLN A 35 -9.82 -10.73 -15.29
N ARG A 36 -9.12 -10.88 -14.17
CA ARG A 36 -7.94 -11.72 -14.12
C ARG A 36 -8.28 -13.08 -13.49
N GLY A 37 -8.58 -14.06 -14.34
CA GLY A 37 -8.91 -15.38 -13.86
C GLY A 37 -9.82 -16.14 -14.80
N LEU A 38 -9.66 -17.44 -14.85
CA LEU A 38 -10.48 -18.28 -15.73
C LEU A 38 -11.19 -19.38 -14.93
N GLY A 39 -12.22 -18.99 -14.18
CA GLY A 39 -12.96 -19.94 -13.38
C GLY A 39 -14.40 -19.53 -13.16
N SER A 1 8.08 -2.88 24.21
CA SER A 1 7.14 -2.77 23.10
C SER A 1 7.19 -1.39 22.47
N GLN A 2 7.56 -1.32 21.20
CA GLN A 2 7.64 -0.05 20.49
C GLN A 2 6.44 0.13 19.57
N ALA A 3 5.78 1.28 19.69
CA ALA A 3 4.61 1.58 18.87
C ALA A 3 4.86 2.80 17.99
N GLU A 4 5.88 2.71 17.13
CA GLU A 4 6.22 3.80 16.23
C GLU A 4 5.59 3.60 14.86
N ALA A 5 5.03 4.67 14.30
CA ALA A 5 4.39 4.61 13.00
C ALA A 5 5.39 4.88 11.88
N THR A 6 6.13 5.98 12.00
CA THR A 6 7.12 6.36 11.01
C THR A 6 6.53 6.31 9.60
N ARG A 7 5.27 6.69 9.48
CA ARG A 7 4.59 6.68 8.18
C ARG A 7 4.97 7.92 7.38
N GLN A 8 4.92 9.08 8.02
CA GLN A 8 5.25 10.34 7.36
C GLN A 8 6.76 10.51 7.25
N ALA A 9 7.49 10.09 8.29
CA ALA A 9 8.93 10.21 8.30
C ALA A 9 9.56 9.33 7.22
N ALA A 10 9.46 8.01 7.40
CA ALA A 10 10.01 7.06 6.45
C ALA A 10 9.05 6.82 5.29
N ALA A 11 9.59 6.64 4.10
CA ALA A 11 8.78 6.40 2.91
C ALA A 11 8.03 5.07 3.03
N GLN A 12 7.26 4.75 1.99
CA GLN A 12 6.50 3.50 1.97
C GLN A 12 7.24 2.41 1.21
N GLU A 13 7.91 2.82 0.13
CA GLU A 13 8.66 1.87 -0.69
C GLU A 13 9.87 1.33 0.07
N GLU A 14 10.53 2.19 0.82
CA GLU A 14 11.71 1.81 1.60
C GLU A 14 11.39 0.63 2.51
N ARG A 15 10.16 0.61 3.05
CA ARG A 15 9.72 -0.45 3.94
C ARG A 15 8.88 -1.48 3.19
N LEU A 16 9.50 -2.57 2.79
CA LEU A 16 8.80 -3.63 2.06
C LEU A 16 7.62 -4.16 2.88
N ALA A 17 7.85 -4.38 4.16
CA ALA A 17 6.81 -4.87 5.06
C ALA A 17 5.54 -4.04 4.94
N ASP A 18 5.70 -2.73 4.79
CA ASP A 18 4.58 -1.82 4.66
C ASP A 18 3.91 -1.96 3.30
N LEU A 19 4.72 -2.19 2.28
CA LEU A 19 4.21 -2.34 0.91
C LEU A 19 3.35 -3.59 0.79
N ALA A 20 3.86 -4.71 1.30
CA ALA A 20 3.13 -5.97 1.25
C ALA A 20 1.74 -5.82 1.83
N SER A 21 1.62 -4.99 2.87
CA SER A 21 0.33 -4.76 3.52
C SER A 21 -0.53 -3.80 2.70
N ASP A 22 0.04 -2.64 2.37
CA ASP A 22 -0.68 -1.65 1.58
C ASP A 22 -1.19 -2.24 0.28
N LEU A 23 -0.42 -3.15 -0.29
CA LEU A 23 -0.79 -3.79 -1.55
C LEU A 23 -2.21 -4.35 -1.47
N LEU A 24 -2.57 -4.84 -0.30
CA LEU A 24 -3.91 -5.41 -0.09
C LEU A 24 -4.97 -4.32 -0.11
N LEU A 25 -4.62 -3.15 0.41
CA LEU A 25 -5.56 -2.02 0.44
C LEU A 25 -5.67 -1.37 -0.94
N GLN A 26 -4.54 -1.25 -1.62
CA GLN A 26 -4.51 -0.65 -2.95
C GLN A 26 -5.10 -1.59 -3.99
N TYR A 27 -4.85 -2.89 -3.81
CA TYR A 27 -5.36 -3.90 -4.74
C TYR A 27 -6.86 -3.74 -4.96
N LEU A 28 -7.57 -3.36 -3.89
CA LEU A 28 -9.01 -3.18 -3.96
C LEU A 28 -9.38 -2.16 -5.05
N LEU A 29 -8.58 -1.11 -5.15
CA LEU A 29 -8.82 -0.07 -6.15
C LEU A 29 -8.21 -0.46 -7.50
N GLN A 30 -7.02 -1.06 -7.46
CA GLN A 30 -6.34 -1.48 -8.67
C GLN A 30 -7.26 -2.32 -9.55
N GLY A 31 -8.10 -3.14 -8.91
CA GLY A 31 -9.02 -3.99 -9.64
C GLY A 31 -10.15 -3.21 -10.27
N GLY A 32 -11.27 -3.89 -10.52
CA GLY A 32 -12.42 -3.23 -11.13
C GLY A 32 -13.46 -4.22 -11.59
N ALA A 33 -13.01 -5.28 -12.27
CA ALA A 33 -13.91 -6.30 -12.78
C ALA A 33 -14.67 -6.99 -11.64
N ARG A 34 -13.92 -7.60 -10.73
CA ARG A 34 -14.51 -8.30 -9.60
C ARG A 34 -14.46 -7.44 -8.35
N GLN A 35 -13.28 -6.91 -8.04
CA GLN A 35 -13.10 -6.06 -6.87
C GLN A 35 -13.49 -6.81 -5.59
N ARG A 36 -13.10 -8.08 -5.52
CA ARG A 36 -13.40 -8.90 -4.36
C ARG A 36 -14.89 -8.86 -4.03
N GLY A 37 -15.71 -8.80 -5.08
CA GLY A 37 -17.15 -8.76 -4.89
C GLY A 37 -17.73 -10.10 -4.45
N LEU A 38 -18.96 -10.08 -3.98
CA LEU A 38 -19.62 -11.30 -3.52
C LEU A 38 -20.44 -11.93 -4.65
N GLY A 39 -21.28 -11.14 -5.29
CA GLY A 39 -22.09 -11.64 -6.39
C GLY A 39 -23.40 -10.89 -6.52
#